data_7S76
#
_entry.id   7S76
#
_cell.length_a   152.239
_cell.length_b   88.306
_cell.length_c   103.712
_cell.angle_alpha   90.000
_cell.angle_beta   103.890
_cell.angle_gamma   90.000
#
_symmetry.space_group_name_H-M   'C 1 2 1'
#
loop_
_entity.id
_entity.type
_entity.pdbx_description
1 polymer 'Capsid protein'
2 non-polymer '(1-methyl-1H-1,2,4-triazol-3-yl)methyl {(4S)-1-[(3-chloro-4-fluorophenyl)carbamoyl]-2-methyl-2,4,5,6-tetrahydrocyclopenta[c]pyrrol-4-yl}carbamate'
#
_entity_poly.entity_id   1
_entity_poly.type   'polypeptide(L)'
_entity_poly.pdbx_seq_one_letter_code
;MGSMDIDPYKEFGATVELLSFLPSDFFPSVRDLLDTAAALYRDALESPEHCSPHHTALRQAILCWGDLMTLATWVGTNLE
DPASRDLVVSYVNTNVGLKFRQLLWFHISCLTFGRETVLEYLVSFGVWIRTPPAARPPNAPILSTLPETTVVKLENLYFQ
;
_entity_poly.pdbx_strand_id   A,B,C,D,E,F
#
# COMPACT_ATOMS: atom_id res chain seq x y z
N SER A 3 -9.45 -7.69 -3.41
CA SER A 3 -8.22 -8.49 -3.12
C SER A 3 -7.10 -8.08 -4.09
N MET A 4 -7.43 -7.82 -5.36
CA MET A 4 -6.43 -7.51 -6.43
C MET A 4 -6.56 -6.05 -6.87
N ASP A 5 -5.46 -5.48 -7.36
CA ASP A 5 -5.39 -4.06 -7.83
C ASP A 5 -4.63 -4.05 -9.16
N ILE A 6 -5.38 -4.05 -10.27
CA ILE A 6 -4.87 -4.19 -11.67
C ILE A 6 -5.05 -2.86 -12.40
N ASP A 7 -4.00 -2.36 -13.06
CA ASP A 7 -4.06 -1.11 -13.87
C ASP A 7 -4.15 -1.50 -15.33
N PRO A 8 -5.31 -1.25 -15.98
CA PRO A 8 -5.49 -1.58 -17.38
C PRO A 8 -4.34 -1.03 -18.21
N TYR A 9 -3.79 0.13 -17.81
CA TYR A 9 -2.82 0.94 -18.58
C TYR A 9 -1.37 0.53 -18.26
N LYS A 10 -1.14 -0.05 -17.08
CA LYS A 10 0.20 -0.32 -16.54
C LYS A 10 1.02 -1.16 -17.52
N GLU A 11 0.43 -2.17 -18.16
CA GLU A 11 1.19 -3.09 -19.07
C GLU A 11 1.53 -2.33 -20.35
N PHE A 12 0.90 -1.18 -20.56
CA PHE A 12 1.02 -0.34 -21.78
C PHE A 12 1.82 0.93 -21.46
N GLY A 13 2.51 0.94 -20.31
CA GLY A 13 3.49 1.98 -19.95
C GLY A 13 2.83 3.27 -19.48
N ALA A 14 1.61 3.20 -18.97
CA ALA A 14 0.88 4.36 -18.40
C ALA A 14 0.18 3.94 -17.12
N THR A 15 -0.86 4.66 -16.70
CA THR A 15 -1.57 4.45 -15.41
C THR A 15 -2.93 5.15 -15.43
N VAL A 16 -3.83 4.76 -14.55
CA VAL A 16 -5.20 5.34 -14.45
C VAL A 16 -5.06 6.83 -14.14
N GLU A 17 -4.12 7.20 -13.26
CA GLU A 17 -3.95 8.60 -12.81
C GLU A 17 -3.56 9.44 -14.03
N LEU A 18 -2.55 8.99 -14.78
CA LEU A 18 -1.94 9.70 -15.95
C LEU A 18 -3.03 10.10 -16.97
N LEU A 19 -3.99 9.22 -17.24
CA LEU A 19 -5.07 9.46 -18.24
C LEU A 19 -6.14 10.37 -17.65
N SER A 20 -6.29 10.39 -16.32
CA SER A 20 -7.21 11.30 -15.61
C SER A 20 -6.60 12.71 -15.60
N PHE A 21 -5.34 12.82 -16.03
CA PHE A 21 -4.64 14.11 -16.24
C PHE A 21 -5.40 14.92 -17.29
N LEU A 22 -5.53 14.38 -18.51
CA LEU A 22 -6.38 14.93 -19.60
C LEU A 22 -7.80 15.14 -19.08
N PRO A 23 -8.39 16.34 -19.29
CA PRO A 23 -9.73 16.63 -18.80
C PRO A 23 -10.77 15.75 -19.50
N SER A 24 -11.95 15.60 -18.90
CA SER A 24 -12.99 14.64 -19.36
C SER A 24 -13.53 15.08 -20.73
N ASP A 25 -13.47 16.38 -21.03
CA ASP A 25 -14.07 16.98 -22.26
C ASP A 25 -13.06 16.92 -23.41
N PHE A 26 -11.85 16.39 -23.18
CA PHE A 26 -10.82 16.20 -24.24
C PHE A 26 -11.10 14.93 -25.04
N PHE A 27 -11.83 13.98 -24.46
CA PHE A 27 -12.07 12.63 -25.03
C PHE A 27 -13.22 12.73 -26.02
N PRO A 28 -13.09 12.11 -27.22
CA PRO A 28 -14.22 11.94 -28.13
C PRO A 28 -15.38 11.26 -27.40
N SER A 29 -16.56 11.18 -28.02
CA SER A 29 -17.72 10.39 -27.51
C SER A 29 -17.38 8.90 -27.60
N VAL A 30 -18.13 8.05 -26.88
CA VAL A 30 -18.06 6.57 -27.07
C VAL A 30 -18.51 6.25 -28.50
N ARG A 31 -19.72 6.71 -28.83
CA ARG A 31 -20.34 6.62 -30.19
C ARG A 31 -19.24 6.81 -31.24
N ASP A 32 -18.45 7.89 -31.13
CA ASP A 32 -17.46 8.29 -32.16
C ASP A 32 -16.22 7.39 -32.10
N LEU A 33 -15.94 6.82 -30.93
CA LEU A 33 -14.67 6.08 -30.67
C LEU A 33 -14.80 4.68 -31.27
N LEU A 34 -15.97 4.07 -31.08
CA LEU A 34 -16.33 2.75 -31.65
C LEU A 34 -16.41 2.86 -33.18
N ASP A 35 -17.09 3.91 -33.69
CA ASP A 35 -17.20 4.23 -35.15
C ASP A 35 -15.79 4.34 -35.76
N THR A 36 -14.82 4.79 -34.97
CA THR A 36 -13.43 5.04 -35.44
C THR A 36 -12.63 3.73 -35.46
N ALA A 37 -12.83 2.90 -34.43
CA ALA A 37 -12.17 1.58 -34.27
C ALA A 37 -12.64 0.69 -35.42
N ALA A 38 -13.95 0.72 -35.67
CA ALA A 38 -14.64 0.04 -36.80
C ALA A 38 -14.00 0.48 -38.11
N ALA A 39 -14.04 1.79 -38.39
CA ALA A 39 -13.67 2.40 -39.68
C ALA A 39 -12.19 2.16 -40.00
N LEU A 40 -11.37 1.84 -38.99
CA LEU A 40 -9.89 1.82 -39.13
C LEU A 40 -9.33 0.40 -38.93
N TYR A 41 -10.01 -0.45 -38.14
CA TYR A 41 -9.41 -1.65 -37.50
C TYR A 41 -10.38 -2.84 -37.51
N ARG A 42 -11.56 -2.74 -38.12
CA ARG A 42 -12.57 -3.82 -38.10
C ARG A 42 -11.95 -5.14 -38.58
N ASP A 43 -11.21 -5.10 -39.68
CA ASP A 43 -10.58 -6.31 -40.26
C ASP A 43 -9.68 -6.95 -39.19
N ALA A 44 -8.89 -6.14 -38.47
CA ALA A 44 -7.87 -6.58 -37.49
C ALA A 44 -8.53 -6.99 -36.17
N LEU A 45 -9.55 -6.23 -35.74
CA LEU A 45 -10.28 -6.47 -34.47
C LEU A 45 -11.02 -7.80 -34.57
N GLU A 46 -11.68 -8.04 -35.72
CA GLU A 46 -12.51 -9.25 -36.01
C GLU A 46 -11.59 -10.42 -36.39
N SER A 47 -10.34 -10.15 -36.77
CA SER A 47 -9.27 -11.13 -37.13
C SER A 47 -9.21 -12.28 -36.13
N PRO A 48 -8.75 -13.47 -36.56
CA PRO A 48 -8.36 -14.55 -35.65
C PRO A 48 -6.84 -14.57 -35.40
N GLU A 49 -6.21 -13.39 -35.30
CA GLU A 49 -4.80 -13.24 -34.88
C GLU A 49 -4.73 -12.25 -33.72
N HIS A 50 -3.79 -12.43 -32.81
CA HIS A 50 -3.58 -11.51 -31.67
C HIS A 50 -3.41 -10.10 -32.25
N CYS A 51 -2.50 -9.96 -33.22
CA CYS A 51 -2.14 -8.70 -33.92
C CYS A 51 -1.20 -7.88 -33.02
N SER A 52 -1.70 -7.49 -31.84
CA SER A 52 -0.93 -6.77 -30.79
C SER A 52 -1.68 -6.81 -29.46
N PRO A 53 -0.95 -6.61 -28.34
CA PRO A 53 -1.56 -6.46 -27.02
C PRO A 53 -2.63 -5.35 -26.99
N HIS A 54 -2.45 -4.29 -27.76
CA HIS A 54 -3.43 -3.16 -27.85
C HIS A 54 -4.72 -3.72 -28.45
N HIS A 55 -4.59 -4.55 -29.49
CA HIS A 55 -5.72 -5.18 -30.20
C HIS A 55 -6.53 -6.03 -29.22
N THR A 56 -5.82 -6.86 -28.45
CA THR A 56 -6.43 -7.75 -27.43
C THR A 56 -7.26 -6.92 -26.45
N ALA A 57 -6.65 -5.86 -25.90
CA ALA A 57 -7.25 -5.04 -24.82
C ALA A 57 -8.50 -4.33 -25.36
N LEU A 58 -8.37 -3.73 -26.54
CA LEU A 58 -9.43 -2.92 -27.19
C LEU A 58 -10.66 -3.80 -27.45
N ARG A 59 -10.45 -5.01 -28.01
CA ARG A 59 -11.51 -6.02 -28.24
C ARG A 59 -12.38 -6.14 -26.98
N GLN A 60 -11.72 -6.41 -25.84
CA GLN A 60 -12.39 -6.67 -24.54
C GLN A 60 -13.15 -5.41 -24.10
N ALA A 61 -12.49 -4.25 -24.20
CA ALA A 61 -13.04 -2.91 -23.87
C ALA A 61 -14.35 -2.68 -24.66
N ILE A 62 -14.33 -2.94 -25.98
CA ILE A 62 -15.51 -2.71 -26.87
C ILE A 62 -16.63 -3.66 -26.41
N LEU A 63 -16.29 -4.94 -26.25
CA LEU A 63 -17.25 -6.01 -25.86
C LEU A 63 -17.83 -5.68 -24.48
N CYS A 64 -16.98 -5.22 -23.55
CA CYS A 64 -17.40 -4.85 -22.17
C CYS A 64 -18.41 -3.69 -22.23
N TRP A 65 -18.12 -2.66 -23.04
CA TRP A 65 -19.03 -1.50 -23.21
C TRP A 65 -20.39 -2.00 -23.70
N GLY A 66 -20.37 -2.91 -24.68
CA GLY A 66 -21.54 -3.67 -25.14
C GLY A 66 -22.37 -4.17 -23.96
N ASP A 67 -21.77 -4.99 -23.10
CA ASP A 67 -22.42 -5.61 -21.91
C ASP A 67 -23.01 -4.51 -21.01
N LEU A 68 -22.23 -3.47 -20.70
CA LEU A 68 -22.67 -2.37 -19.79
C LEU A 68 -23.92 -1.70 -20.38
N MET A 69 -23.97 -1.55 -21.70
CA MET A 69 -25.10 -0.89 -22.41
C MET A 69 -26.30 -1.83 -22.49
N THR A 70 -26.10 -3.10 -22.83
CA THR A 70 -27.14 -4.17 -22.80
C THR A 70 -27.83 -4.16 -21.43
N LEU A 71 -27.07 -3.97 -20.34
CA LEU A 71 -27.61 -3.88 -18.95
C LEU A 71 -28.44 -2.61 -18.81
N ALA A 72 -27.92 -1.46 -19.25
CA ALA A 72 -28.60 -0.14 -19.19
C ALA A 72 -29.90 -0.16 -20.01
N THR A 73 -29.86 -0.73 -21.22
CA THR A 73 -31.04 -0.94 -22.11
C THR A 73 -32.08 -1.83 -21.40
N TRP A 74 -31.63 -2.97 -20.86
CA TRP A 74 -32.46 -3.96 -20.12
C TRP A 74 -33.09 -3.31 -18.88
N VAL A 75 -32.43 -2.35 -18.24
CA VAL A 75 -32.98 -1.57 -17.09
C VAL A 75 -34.12 -0.68 -17.60
N GLY A 76 -33.89 -0.01 -18.74
CA GLY A 76 -34.88 0.87 -19.40
C GLY A 76 -36.12 0.12 -19.82
N THR A 77 -35.96 -1.08 -20.38
CA THR A 77 -37.07 -1.98 -20.82
C THR A 77 -37.54 -2.84 -19.64
N ASN A 78 -37.24 -2.44 -18.40
CA ASN A 78 -37.74 -3.09 -17.15
C ASN A 78 -37.96 -2.03 -16.06
N LEU A 79 -38.36 -0.82 -16.45
CA LEU A 79 -38.71 0.30 -15.52
C LEU A 79 -39.70 1.24 -16.21
N ASP A 86 -33.93 5.94 -16.06
CA ASP A 86 -33.77 7.40 -16.28
C ASP A 86 -32.44 7.87 -15.67
N LEU A 87 -32.33 7.82 -14.33
CA LEU A 87 -31.11 8.20 -13.56
C LEU A 87 -30.03 7.11 -13.69
N VAL A 88 -30.41 5.90 -14.07
CA VAL A 88 -29.50 4.73 -14.25
C VAL A 88 -28.72 4.89 -15.56
N VAL A 89 -29.42 5.12 -16.68
CA VAL A 89 -28.81 5.34 -18.02
C VAL A 89 -28.09 6.70 -18.03
N SER A 90 -28.32 7.52 -17.01
CA SER A 90 -27.62 8.82 -16.78
C SER A 90 -26.27 8.58 -16.09
N TYR A 91 -26.24 7.68 -15.10
CA TYR A 91 -25.05 7.33 -14.28
C TYR A 91 -23.92 6.80 -15.16
N VAL A 92 -24.26 5.98 -16.16
CA VAL A 92 -23.28 5.31 -17.07
C VAL A 92 -22.49 6.38 -17.82
N ASN A 93 -23.20 7.36 -18.39
CA ASN A 93 -22.61 8.45 -19.22
C ASN A 93 -21.73 9.34 -18.33
N THR A 94 -22.02 9.41 -17.02
CA THR A 94 -21.28 10.25 -16.03
C THR A 94 -19.94 9.58 -15.67
N ASN A 95 -19.97 8.31 -15.25
CA ASN A 95 -18.88 7.66 -14.46
C ASN A 95 -18.15 6.63 -15.32
N VAL A 96 -18.87 5.63 -15.85
CA VAL A 96 -18.27 4.54 -16.66
C VAL A 96 -17.89 5.08 -18.05
N GLY A 97 -18.74 5.94 -18.62
CA GLY A 97 -18.52 6.63 -19.91
C GLY A 97 -17.11 7.18 -20.02
N LEU A 98 -16.72 8.04 -19.08
CA LEU A 98 -15.35 8.62 -19.00
C LEU A 98 -14.33 7.47 -19.04
N LYS A 99 -14.61 6.38 -18.31
CA LYS A 99 -13.63 5.26 -18.11
C LYS A 99 -13.34 4.64 -19.46
N PHE A 100 -14.38 4.36 -20.24
CA PHE A 100 -14.30 3.64 -21.54
C PHE A 100 -13.82 4.60 -22.63
N ARG A 101 -14.28 5.86 -22.58
CA ARG A 101 -13.77 6.96 -23.46
C ARG A 101 -12.24 7.07 -23.29
N GLN A 102 -11.76 7.13 -22.05
CA GLN A 102 -10.30 7.12 -21.76
C GLN A 102 -9.67 5.91 -22.46
N LEU A 103 -10.26 4.72 -22.26
CA LEU A 103 -9.64 3.40 -22.54
C LEU A 103 -9.70 3.11 -24.05
N LEU A 104 -10.86 3.34 -24.64
CA LEU A 104 -11.02 3.28 -26.12
C LEU A 104 -10.03 4.27 -26.75
N TRP A 105 -10.03 5.54 -26.32
CA TRP A 105 -9.14 6.58 -26.89
C TRP A 105 -7.69 6.11 -26.80
N PHE A 106 -7.25 5.66 -25.63
CA PHE A 106 -5.83 5.32 -25.36
C PHE A 106 -5.36 4.31 -26.41
N HIS A 107 -6.18 3.29 -26.63
CA HIS A 107 -5.82 2.08 -27.41
C HIS A 107 -5.84 2.40 -28.90
N ILE A 108 -6.90 3.07 -29.35
CA ILE A 108 -7.04 3.53 -30.77
C ILE A 108 -5.85 4.45 -31.11
N SER A 109 -5.57 5.44 -30.25
CA SER A 109 -4.48 6.43 -30.41
C SER A 109 -3.13 5.70 -30.40
N CYS A 110 -3.02 4.62 -29.64
CA CYS A 110 -1.76 3.86 -29.52
C CYS A 110 -1.52 3.06 -30.80
N LEU A 111 -2.60 2.65 -31.47
CA LEU A 111 -2.53 1.87 -32.73
C LEU A 111 -2.28 2.83 -33.90
N THR A 112 -2.91 4.01 -33.89
CA THR A 112 -2.84 5.04 -34.96
C THR A 112 -1.47 5.75 -34.96
N PHE A 113 -1.05 6.31 -33.82
CA PHE A 113 0.04 7.31 -33.71
C PHE A 113 1.31 6.68 -33.12
N GLY A 114 1.15 5.65 -32.29
CA GLY A 114 2.27 4.95 -31.63
C GLY A 114 2.26 5.17 -30.13
N ARG A 115 2.37 4.10 -29.34
CA ARG A 115 2.27 4.14 -27.87
C ARG A 115 3.14 5.28 -27.33
N GLU A 116 4.44 5.27 -27.63
CA GLU A 116 5.45 6.22 -27.09
C GLU A 116 4.96 7.66 -27.33
N THR A 117 4.47 7.94 -28.55
CA THR A 117 3.93 9.25 -28.99
C THR A 117 2.68 9.64 -28.16
N VAL A 118 1.82 8.67 -27.84
CA VAL A 118 0.54 8.95 -27.11
C VAL A 118 0.87 9.31 -25.66
N LEU A 119 1.99 8.83 -25.14
CA LEU A 119 2.40 9.02 -23.73
C LEU A 119 2.95 10.43 -23.55
N GLU A 120 3.88 10.85 -24.41
CA GLU A 120 4.34 12.27 -24.51
C GLU A 120 3.12 13.18 -24.59
N TYR A 121 2.25 12.96 -25.58
CA TYR A 121 1.08 13.84 -25.87
C TYR A 121 0.22 13.99 -24.59
N LEU A 122 0.15 12.95 -23.77
CA LEU A 122 -0.73 12.87 -22.56
C LEU A 122 -0.32 13.97 -21.57
N VAL A 123 0.98 14.16 -21.38
CA VAL A 123 1.57 15.14 -20.43
C VAL A 123 1.59 16.52 -21.11
N SER A 124 2.19 16.58 -22.30
CA SER A 124 2.09 17.74 -23.22
C SER A 124 0.73 18.42 -23.09
N PHE A 125 -0.36 17.72 -23.32
CA PHE A 125 -1.71 18.35 -23.38
C PHE A 125 -2.15 18.78 -21.98
N GLY A 126 -1.84 17.97 -20.96
CA GLY A 126 -2.29 18.22 -19.58
C GLY A 126 -1.61 19.45 -18.97
N VAL A 127 -0.32 19.62 -19.25
CA VAL A 127 0.47 20.82 -18.86
C VAL A 127 -0.18 22.05 -19.53
N TRP A 128 -0.29 22.02 -20.87
CA TRP A 128 -0.82 23.12 -21.71
C TRP A 128 -2.24 23.51 -21.26
N ILE A 129 -3.15 22.55 -21.14
CA ILE A 129 -4.57 22.86 -20.83
C ILE A 129 -4.65 23.49 -19.44
N ARG A 130 -3.62 23.30 -18.61
CA ARG A 130 -3.61 23.73 -17.20
C ARG A 130 -2.98 25.13 -17.10
N THR A 131 -2.05 25.45 -17.99
CA THR A 131 -1.61 26.84 -18.26
C THR A 131 -2.83 27.71 -18.51
N PRO A 132 -3.04 28.83 -17.79
CA PRO A 132 -4.18 29.71 -18.07
C PRO A 132 -4.15 30.26 -19.49
N PRO A 133 -5.34 30.52 -20.07
CA PRO A 133 -5.47 30.86 -21.49
C PRO A 133 -4.53 31.97 -21.98
N ALA A 134 -4.55 33.10 -21.26
CA ALA A 134 -3.86 34.37 -21.62
C ALA A 134 -2.35 34.15 -21.82
N ALA A 135 -1.77 33.09 -21.26
CA ALA A 135 -0.32 32.83 -21.24
C ALA A 135 0.06 31.73 -22.23
N ARG A 136 -0.88 30.85 -22.58
CA ARG A 136 -0.60 29.65 -23.42
C ARG A 136 -0.83 30.01 -24.89
N PRO A 137 -0.02 29.47 -25.81
CA PRO A 137 -0.31 29.53 -27.25
C PRO A 137 -1.80 29.27 -27.54
N PRO A 138 -2.34 29.77 -28.67
CA PRO A 138 -3.78 29.64 -28.95
C PRO A 138 -4.26 28.20 -29.23
N ASN A 139 -3.43 27.38 -29.88
CA ASN A 139 -3.74 25.96 -30.21
C ASN A 139 -2.95 25.03 -29.28
N ALA A 140 -3.59 23.91 -28.91
CA ALA A 140 -2.99 22.75 -28.21
C ALA A 140 -1.74 22.27 -28.95
N PRO A 141 -0.90 21.42 -28.33
CA PRO A 141 0.09 20.63 -29.07
C PRO A 141 -0.66 19.58 -29.91
N ILE A 142 0.02 19.04 -30.93
CA ILE A 142 -0.63 18.20 -31.98
C ILE A 142 -0.14 16.77 -31.83
N LEU A 143 -1.07 15.82 -31.96
CA LEU A 143 -0.83 14.36 -31.96
C LEU A 143 -0.81 13.88 -33.42
N SER A 144 0.31 13.30 -33.88
CA SER A 144 0.53 12.95 -35.30
C SER A 144 1.62 11.86 -35.43
N THR A 145 1.60 11.14 -36.56
CA THR A 145 2.67 10.20 -37.00
C THR A 145 3.20 10.65 -38.36
N LEU A 146 4.39 11.27 -38.38
CA LEU A 146 5.12 11.70 -39.60
C LEU A 146 6.63 11.73 -39.32
N SER B 3 -22.37 -1.27 -36.64
CA SER B 3 -21.39 -1.69 -35.60
C SER B 3 -20.59 -2.91 -36.04
N MET B 4 -19.84 -3.51 -35.11
CA MET B 4 -18.81 -4.56 -35.36
C MET B 4 -19.28 -5.87 -34.72
N ASP B 5 -18.63 -7.00 -35.08
CA ASP B 5 -18.92 -8.34 -34.52
C ASP B 5 -17.60 -9.03 -34.15
N ILE B 6 -17.25 -8.95 -32.86
CA ILE B 6 -15.95 -9.38 -32.27
C ILE B 6 -16.20 -10.59 -31.37
N ASP B 7 -15.40 -11.66 -31.53
CA ASP B 7 -15.46 -12.85 -30.65
C ASP B 7 -14.31 -12.79 -29.65
N PRO B 8 -14.61 -12.56 -28.36
CA PRO B 8 -13.57 -12.49 -27.34
C PRO B 8 -12.65 -13.71 -27.43
N TYR B 9 -13.19 -14.87 -27.83
CA TYR B 9 -12.50 -16.19 -27.80
C TYR B 9 -11.76 -16.48 -29.11
N LYS B 10 -12.17 -15.83 -30.21
CA LYS B 10 -11.69 -16.13 -31.58
C LYS B 10 -10.16 -16.04 -31.66
N GLU B 11 -9.54 -15.04 -31.03
CA GLU B 11 -8.07 -14.81 -31.13
C GLU B 11 -7.36 -15.90 -30.33
N PHE B 12 -8.11 -16.62 -29.49
CA PHE B 12 -7.60 -17.66 -28.55
C PHE B 12 -8.02 -19.06 -29.06
N GLY B 13 -8.45 -19.15 -30.31
CA GLY B 13 -8.68 -20.43 -31.01
C GLY B 13 -9.97 -21.10 -30.60
N ALA B 14 -10.96 -20.34 -30.12
CA ALA B 14 -12.29 -20.86 -29.72
C ALA B 14 -13.36 -19.88 -30.20
N THR B 15 -14.56 -19.91 -29.61
CA THR B 15 -15.73 -19.11 -30.03
C THR B 15 -16.77 -19.04 -28.92
N VAL B 16 -17.68 -18.08 -28.98
CA VAL B 16 -18.75 -17.90 -27.97
C VAL B 16 -19.63 -19.15 -27.96
N GLU B 17 -19.92 -19.71 -29.14
CA GLU B 17 -20.79 -20.91 -29.30
C GLU B 17 -20.16 -22.06 -28.49
N LEU B 18 -18.88 -22.33 -28.77
CA LEU B 18 -18.10 -23.49 -28.23
C LEU B 18 -18.17 -23.53 -26.69
N LEU B 19 -18.07 -22.37 -26.03
CA LEU B 19 -18.06 -22.28 -24.54
C LEU B 19 -19.48 -22.40 -24.01
N SER B 20 -20.49 -22.05 -24.80
CA SER B 20 -21.91 -22.22 -24.44
C SER B 20 -22.28 -23.70 -24.55
N PHE B 21 -21.36 -24.51 -25.12
CA PHE B 21 -21.48 -25.99 -25.18
C PHE B 21 -21.55 -26.52 -23.74
N LEU B 22 -20.49 -26.28 -22.94
CA LEU B 22 -20.44 -26.57 -21.49
C LEU B 22 -21.65 -25.95 -20.79
N PRO B 23 -22.39 -26.74 -19.98
CA PRO B 23 -23.58 -26.23 -19.30
C PRO B 23 -23.22 -25.15 -18.28
N SER B 24 -24.20 -24.32 -17.89
CA SER B 24 -23.96 -23.10 -17.09
C SER B 24 -23.48 -23.49 -15.69
N ASP B 25 -23.85 -24.68 -15.20
CA ASP B 25 -23.59 -25.15 -13.82
C ASP B 25 -22.21 -25.84 -13.76
N PHE B 26 -21.49 -25.93 -14.88
CA PHE B 26 -20.11 -26.50 -14.94
C PHE B 26 -19.08 -25.47 -14.47
N PHE B 27 -19.43 -24.19 -14.58
CA PHE B 27 -18.51 -23.05 -14.33
C PHE B 27 -18.48 -22.80 -12.83
N PRO B 28 -17.28 -22.59 -12.24
CA PRO B 28 -17.17 -22.11 -10.86
C PRO B 28 -17.98 -20.82 -10.69
N SER B 29 -18.14 -20.32 -9.46
CA SER B 29 -18.73 -18.98 -9.19
C SER B 29 -17.77 -17.89 -9.68
N VAL B 30 -18.25 -16.65 -9.85
CA VAL B 30 -17.37 -15.48 -10.10
C VAL B 30 -16.47 -15.30 -8.88
N ARG B 31 -17.12 -15.18 -7.70
CA ARG B 31 -16.46 -15.10 -6.36
C ARG B 31 -15.24 -16.01 -6.35
N ASP B 32 -15.38 -17.27 -6.74
CA ASP B 32 -14.32 -18.30 -6.63
C ASP B 32 -13.27 -18.11 -7.74
N LEU B 33 -13.67 -17.53 -8.87
CA LEU B 33 -12.82 -17.46 -10.09
C LEU B 33 -11.81 -16.33 -9.91
N LEU B 34 -12.27 -15.21 -9.36
CA LEU B 34 -11.42 -14.03 -9.03
C LEU B 34 -10.45 -14.41 -7.89
N ASP B 35 -10.96 -15.06 -6.83
CA ASP B 35 -10.15 -15.59 -5.70
C ASP B 35 -9.04 -16.51 -6.23
N THR B 36 -9.27 -17.20 -7.35
CA THR B 36 -8.33 -18.19 -7.93
C THR B 36 -7.28 -17.47 -8.76
N ALA B 37 -7.70 -16.45 -9.52
CA ALA B 37 -6.83 -15.63 -10.40
C ALA B 37 -5.85 -14.89 -9.49
N ALA B 38 -6.38 -14.32 -8.39
CA ALA B 38 -5.63 -13.66 -7.30
C ALA B 38 -4.58 -14.63 -6.74
N ALA B 39 -5.04 -15.77 -6.23
CA ALA B 39 -4.24 -16.76 -5.48
C ALA B 39 -3.13 -17.36 -6.36
N LEU B 40 -3.24 -17.26 -7.68
CA LEU B 40 -2.34 -17.99 -8.61
C LEU B 40 -1.51 -17.02 -9.46
N TYR B 41 -2.03 -15.81 -9.72
CA TYR B 41 -1.59 -14.95 -10.86
C TYR B 41 -1.51 -13.47 -10.46
N ARG B 42 -1.74 -13.12 -9.19
CA ARG B 42 -1.79 -11.71 -8.75
C ARG B 42 -0.50 -10.99 -9.17
N ASP B 43 0.65 -11.61 -8.91
CA ASP B 43 1.97 -10.98 -9.18
C ASP B 43 2.05 -10.69 -10.68
N ALA B 44 1.60 -11.61 -11.54
CA ALA B 44 1.69 -11.53 -13.02
C ALA B 44 0.61 -10.59 -13.57
N LEU B 45 -0.61 -10.64 -13.01
CA LEU B 45 -1.75 -9.81 -13.46
C LEU B 45 -1.45 -8.33 -13.15
N GLU B 46 -0.90 -8.06 -11.95
CA GLU B 46 -0.56 -6.70 -11.46
C GLU B 46 0.75 -6.22 -12.10
N SER B 47 1.57 -7.15 -12.63
CA SER B 47 2.85 -6.91 -13.35
C SER B 47 2.73 -5.76 -14.35
N PRO B 48 3.83 -5.05 -14.65
CA PRO B 48 3.91 -4.14 -15.78
C PRO B 48 4.55 -4.79 -17.02
N GLU B 49 4.28 -6.08 -17.25
CA GLU B 49 4.68 -6.81 -18.48
C GLU B 49 3.45 -7.49 -19.07
N HIS B 50 3.39 -7.59 -20.41
CA HIS B 50 2.26 -8.25 -21.11
C HIS B 50 2.08 -9.64 -20.50
N CYS B 51 3.18 -10.42 -20.43
CA CYS B 51 3.23 -11.82 -19.94
C CYS B 51 2.69 -12.76 -21.01
N SER B 52 1.42 -12.57 -21.39
CA SER B 52 0.73 -13.30 -22.48
C SER B 52 -0.57 -12.62 -22.88
N PRO B 53 -1.06 -12.90 -24.09
CA PRO B 53 -2.38 -12.42 -24.52
C PRO B 53 -3.50 -12.82 -23.55
N HIS B 54 -3.38 -13.99 -22.91
CA HIS B 54 -4.38 -14.49 -21.92
C HIS B 54 -4.38 -13.53 -20.73
N HIS B 55 -3.18 -13.12 -20.32
CA HIS B 55 -2.97 -12.20 -19.16
C HIS B 55 -3.67 -10.87 -19.47
N THR B 56 -3.44 -10.33 -20.67
CA THR B 56 -4.04 -9.05 -21.14
C THR B 56 -5.57 -9.15 -21.04
N ALA B 57 -6.16 -10.20 -21.61
CA ALA B 57 -7.62 -10.37 -21.74
C ALA B 57 -8.25 -10.49 -20.34
N LEU B 58 -7.64 -11.33 -19.49
CA LEU B 58 -8.14 -11.64 -18.13
C LEU B 58 -8.18 -10.35 -17.30
N ARG B 59 -7.08 -9.57 -17.33
CA ARG B 59 -6.98 -8.24 -16.64
C ARG B 59 -8.25 -7.42 -16.94
N GLN B 60 -8.57 -7.26 -18.23
CA GLN B 60 -9.70 -6.42 -18.69
C GLN B 60 -11.03 -7.01 -18.17
N ALA B 61 -11.19 -8.35 -18.31
CA ALA B 61 -12.35 -9.12 -17.85
C ALA B 61 -12.60 -8.88 -16.34
N ILE B 62 -11.54 -8.97 -15.53
CA ILE B 62 -11.63 -8.79 -14.04
C ILE B 62 -12.09 -7.36 -13.76
N LEU B 63 -11.41 -6.40 -14.40
CA LEU B 63 -11.65 -4.94 -14.18
C LEU B 63 -13.07 -4.62 -14.64
N CYS B 64 -13.51 -5.19 -15.77
CA CYS B 64 -14.86 -5.01 -16.34
C CYS B 64 -15.93 -5.52 -15.36
N TRP B 65 -15.72 -6.72 -14.80
CA TRP B 65 -16.66 -7.32 -13.81
C TRP B 65 -16.80 -6.36 -12.63
N GLY B 66 -15.67 -5.82 -12.15
CA GLY B 66 -15.63 -4.70 -11.18
C GLY B 66 -16.66 -3.63 -11.52
N ASP B 67 -16.52 -3.02 -12.70
CA ASP B 67 -17.38 -1.91 -13.20
C ASP B 67 -18.85 -2.36 -13.21
N LEU B 68 -19.15 -3.55 -13.75
CA LEU B 68 -20.54 -4.08 -13.86
C LEU B 68 -21.16 -4.19 -12.46
N MET B 69 -20.36 -4.59 -11.47
CA MET B 69 -20.80 -4.80 -10.06
C MET B 69 -20.95 -3.44 -9.37
N THR B 70 -19.98 -2.53 -9.52
CA THR B 70 -20.05 -1.12 -9.04
C THR B 70 -21.37 -0.48 -9.50
N LEU B 71 -21.80 -0.76 -10.75
CA LEU B 71 -23.09 -0.26 -11.32
C LEU B 71 -24.25 -0.91 -10.58
N ALA B 72 -24.23 -2.24 -10.42
CA ALA B 72 -25.29 -3.02 -9.73
C ALA B 72 -25.41 -2.59 -8.26
N THR B 73 -24.29 -2.41 -7.56
CA THR B 73 -24.22 -1.90 -6.16
C THR B 73 -24.83 -0.50 -6.10
N TRP B 74 -24.40 0.40 -6.99
CA TRP B 74 -24.86 1.81 -7.08
C TRP B 74 -26.37 1.86 -7.38
N VAL B 75 -26.91 0.89 -8.12
CA VAL B 75 -28.37 0.75 -8.39
C VAL B 75 -29.08 0.38 -7.07
N GLY B 76 -28.50 -0.56 -6.32
CA GLY B 76 -29.03 -1.04 -5.03
C GLY B 76 -29.06 0.07 -3.99
N THR B 77 -28.01 0.90 -3.94
CA THR B 77 -27.89 2.08 -3.04
C THR B 77 -28.55 3.30 -3.67
N ASN B 78 -29.44 3.10 -4.66
CA ASN B 78 -30.28 4.15 -5.30
C ASN B 78 -31.64 3.54 -5.64
N ASP B 86 -33.41 -5.10 -6.53
CA ASP B 86 -33.79 -6.53 -6.28
C ASP B 86 -33.62 -7.33 -7.58
N LEU B 87 -34.45 -7.07 -8.59
CA LEU B 87 -34.49 -7.85 -9.86
C LEU B 87 -33.36 -7.40 -10.80
N VAL B 88 -32.75 -6.24 -10.55
CA VAL B 88 -31.60 -5.69 -11.35
C VAL B 88 -30.32 -6.47 -10.98
N VAL B 89 -29.99 -6.54 -9.69
CA VAL B 89 -28.80 -7.29 -9.16
C VAL B 89 -29.02 -8.79 -9.35
N SER B 90 -30.26 -9.20 -9.67
CA SER B 90 -30.65 -10.60 -10.01
C SER B 90 -30.32 -10.90 -11.47
N TYR B 91 -30.58 -9.95 -12.38
CA TYR B 91 -30.38 -10.06 -13.86
C TYR B 91 -28.90 -10.31 -14.16
N VAL B 92 -27.99 -9.64 -13.43
CA VAL B 92 -26.53 -9.71 -13.66
C VAL B 92 -26.07 -11.15 -13.44
N ASN B 93 -26.48 -11.77 -12.33
CA ASN B 93 -26.09 -13.15 -11.93
C ASN B 93 -26.66 -14.16 -12.94
N THR B 94 -27.76 -13.83 -13.61
CA THR B 94 -28.45 -14.70 -14.61
C THR B 94 -27.68 -14.70 -15.94
N ASN B 95 -27.41 -13.52 -16.50
CA ASN B 95 -27.07 -13.32 -17.93
C ASN B 95 -25.59 -12.94 -18.10
N VAL B 96 -25.14 -11.86 -17.46
CA VAL B 96 -23.73 -11.37 -17.57
C VAL B 96 -22.83 -12.31 -16.75
N GLY B 97 -23.31 -12.75 -15.57
CA GLY B 97 -22.61 -13.70 -14.68
C GLY B 97 -22.06 -14.88 -15.44
N LEU B 98 -22.92 -15.61 -16.16
CA LEU B 98 -22.53 -16.75 -17.02
C LEU B 98 -21.42 -16.28 -17.97
N LYS B 99 -21.54 -15.07 -18.53
CA LYS B 99 -20.64 -14.56 -19.60
C LYS B 99 -19.23 -14.44 -19.04
N PHE B 100 -19.10 -13.88 -17.85
CA PHE B 100 -17.81 -13.59 -17.17
C PHE B 100 -17.26 -14.88 -16.54
N ARG B 101 -18.14 -15.71 -15.97
CA ARG B 101 -17.79 -17.08 -15.50
C ARG B 101 -17.16 -17.88 -16.63
N GLN B 102 -17.80 -17.91 -17.80
CA GLN B 102 -17.24 -18.54 -19.03
C GLN B 102 -15.83 -17.96 -19.26
N LEU B 103 -15.71 -16.63 -19.25
CA LEU B 103 -14.55 -15.88 -19.80
C LEU B 103 -13.38 -15.93 -18.79
N LEU B 104 -13.69 -15.70 -17.51
CA LEU B 104 -12.72 -15.89 -16.42
C LEU B 104 -12.22 -17.35 -16.44
N TRP B 105 -13.14 -18.33 -16.46
CA TRP B 105 -12.77 -19.76 -16.46
C TRP B 105 -11.84 -20.05 -17.64
N PHE B 106 -12.21 -19.61 -18.84
CA PHE B 106 -11.49 -19.95 -20.10
C PHE B 106 -10.02 -19.55 -19.94
N HIS B 107 -9.81 -18.34 -19.42
CA HIS B 107 -8.50 -17.67 -19.44
C HIS B 107 -7.62 -18.26 -18.32
N ILE B 108 -8.19 -18.42 -17.12
CA ILE B 108 -7.49 -19.04 -15.96
C ILE B 108 -7.07 -20.47 -16.35
N SER B 109 -7.99 -21.26 -16.92
CA SER B 109 -7.79 -22.65 -17.37
C SER B 109 -6.73 -22.69 -18.48
N CYS B 110 -6.68 -21.66 -19.31
CA CYS B 110 -5.73 -21.59 -20.45
C CYS B 110 -4.32 -21.31 -19.90
N LEU B 111 -4.23 -20.59 -18.78
CA LEU B 111 -2.94 -20.25 -18.14
C LEU B 111 -2.45 -21.44 -17.32
N THR B 112 -3.36 -22.12 -16.62
CA THR B 112 -3.06 -23.27 -15.72
C THR B 112 -2.68 -24.53 -16.52
N PHE B 113 -3.54 -24.96 -17.46
CA PHE B 113 -3.52 -26.31 -18.09
C PHE B 113 -2.95 -26.25 -19.51
N GLY B 114 -3.12 -25.11 -20.19
CA GLY B 114 -2.66 -24.90 -21.58
C GLY B 114 -3.82 -24.76 -22.55
N ARG B 115 -3.78 -23.73 -23.40
CA ARG B 115 -4.89 -23.39 -24.33
C ARG B 115 -5.35 -24.67 -25.05
N GLU B 116 -4.44 -25.36 -25.76
CA GLU B 116 -4.75 -26.52 -26.63
C GLU B 116 -5.52 -27.57 -25.81
N THR B 117 -5.07 -27.83 -24.57
CA THR B 117 -5.68 -28.77 -23.60
C THR B 117 -7.10 -28.32 -23.21
N VAL B 118 -7.34 -27.02 -23.04
CA VAL B 118 -8.65 -26.48 -22.58
C VAL B 118 -9.66 -26.62 -23.72
N LEU B 119 -9.18 -26.65 -24.97
CA LEU B 119 -10.06 -26.70 -26.18
C LEU B 119 -10.58 -28.13 -26.36
N GLU B 120 -9.68 -29.12 -26.33
CA GLU B 120 -10.04 -30.56 -26.27
C GLU B 120 -11.06 -30.78 -25.15
N TYR B 121 -10.71 -30.39 -23.92
CA TYR B 121 -11.55 -30.62 -22.72
C TYR B 121 -12.97 -30.07 -22.94
N LEU B 122 -13.09 -28.97 -23.70
CA LEU B 122 -14.36 -28.23 -23.92
C LEU B 122 -15.38 -29.13 -24.62
N VAL B 123 -14.90 -29.87 -25.63
CA VAL B 123 -15.72 -30.80 -26.47
C VAL B 123 -15.90 -32.12 -25.71
N SER B 124 -14.77 -32.72 -25.29
CA SER B 124 -14.73 -33.86 -24.34
C SER B 124 -15.88 -33.74 -23.34
N PHE B 125 -15.96 -32.67 -22.56
CA PHE B 125 -16.93 -32.56 -21.45
C PHE B 125 -18.35 -32.42 -21.99
N GLY B 126 -18.51 -31.66 -23.08
CA GLY B 126 -19.84 -31.36 -23.64
C GLY B 126 -20.50 -32.59 -24.25
N VAL B 127 -19.70 -33.41 -24.94
CA VAL B 127 -20.13 -34.72 -25.49
C VAL B 127 -20.57 -35.60 -24.32
N TRP B 128 -19.67 -35.83 -23.34
CA TRP B 128 -19.88 -36.71 -22.16
C TRP B 128 -21.13 -36.25 -21.38
N ILE B 129 -21.25 -34.99 -21.02
CA ILE B 129 -22.37 -34.51 -20.16
C ILE B 129 -23.69 -34.71 -20.91
N ARG B 130 -23.63 -34.86 -22.24
CA ARG B 130 -24.83 -34.93 -23.10
C ARG B 130 -25.23 -36.39 -23.30
N THR B 131 -24.24 -37.31 -23.30
CA THR B 131 -24.46 -38.77 -23.14
C THR B 131 -25.33 -38.99 -21.93
N PRO B 132 -26.47 -39.73 -22.06
CA PRO B 132 -27.30 -40.02 -20.89
C PRO B 132 -26.54 -40.78 -19.81
N PRO B 133 -26.91 -40.57 -18.52
CA PRO B 133 -26.15 -41.10 -17.38
C PRO B 133 -25.83 -42.59 -17.48
N ALA B 134 -26.88 -43.41 -17.74
CA ALA B 134 -26.87 -44.89 -17.72
C ALA B 134 -25.79 -45.46 -18.66
N ALA B 135 -25.36 -44.69 -19.67
CA ALA B 135 -24.44 -45.17 -20.74
C ALA B 135 -23.03 -44.60 -20.56
N ARG B 136 -22.90 -43.46 -19.86
CA ARG B 136 -21.60 -42.75 -19.72
C ARG B 136 -20.88 -43.25 -18.48
N PRO B 137 -19.54 -43.38 -18.52
CA PRO B 137 -18.74 -43.61 -17.31
C PRO B 137 -19.22 -42.73 -16.15
N PRO B 138 -18.97 -43.13 -14.88
CA PRO B 138 -19.50 -42.38 -13.73
C PRO B 138 -18.85 -40.99 -13.50
N ASN B 139 -17.56 -40.86 -13.83
CA ASN B 139 -16.80 -39.58 -13.69
C ASN B 139 -16.60 -38.93 -15.07
N ALA B 140 -16.67 -37.59 -15.12
CA ALA B 140 -16.31 -36.73 -16.26
C ALA B 140 -14.90 -37.05 -16.73
N PRO B 141 -14.49 -36.58 -17.94
CA PRO B 141 -13.08 -36.56 -18.30
C PRO B 141 -12.37 -35.49 -17.45
N ILE B 142 -11.05 -35.59 -17.36
CA ILE B 142 -10.23 -34.83 -16.38
C ILE B 142 -9.38 -33.82 -17.14
N LEU B 143 -9.33 -32.61 -16.61
CA LEU B 143 -8.53 -31.46 -17.10
C LEU B 143 -7.25 -31.37 -16.25
N SER B 144 -6.07 -31.49 -16.87
CA SER B 144 -4.77 -31.66 -16.15
C SER B 144 -3.59 -31.28 -17.05
N THR B 145 -2.43 -31.03 -16.45
CA THR B 145 -1.08 -30.98 -17.08
C THR B 145 -0.28 -32.26 -16.82
N LEU B 146 0.05 -32.99 -17.88
CA LEU B 146 1.06 -34.10 -17.88
C LEU B 146 1.74 -34.16 -19.25
N SER C 3 0.75 1.28 12.65
CA SER C 3 1.73 0.40 13.37
C SER C 3 2.49 -0.46 12.34
N MET C 4 2.64 -1.77 12.58
CA MET C 4 3.44 -2.71 11.74
C MET C 4 2.50 -3.69 11.01
N ASP C 5 3.00 -4.32 9.96
CA ASP C 5 2.25 -5.27 9.11
C ASP C 5 3.14 -6.49 8.84
N ILE C 6 2.94 -7.55 9.63
CA ILE C 6 3.75 -8.81 9.68
C ILE C 6 2.87 -9.95 9.16
N ASP C 7 3.40 -10.76 8.24
CA ASP C 7 2.69 -11.99 7.74
C ASP C 7 3.32 -13.20 8.41
N PRO C 8 2.58 -13.86 9.33
CA PRO C 8 3.09 -15.03 10.02
C PRO C 8 3.66 -16.04 9.02
N TYR C 9 3.08 -16.11 7.82
CA TYR C 9 3.36 -17.16 6.79
C TYR C 9 4.48 -16.74 5.84
N LYS C 10 4.70 -15.42 5.71
CA LYS C 10 5.62 -14.84 4.69
C LYS C 10 7.01 -15.45 4.80
N GLU C 11 7.54 -15.65 6.01
CA GLU C 11 8.93 -16.15 6.21
C GLU C 11 8.97 -17.64 5.82
N PHE C 12 7.80 -18.27 5.67
CA PHE C 12 7.63 -19.72 5.39
C PHE C 12 7.12 -19.91 3.95
N GLY C 13 7.24 -18.86 3.13
CA GLY C 13 7.02 -18.93 1.67
C GLY C 13 5.55 -18.99 1.29
N ALA C 14 4.67 -18.46 2.14
CA ALA C 14 3.21 -18.38 1.89
C ALA C 14 2.70 -17.03 2.36
N THR C 15 1.39 -16.89 2.62
CA THR C 15 0.73 -15.60 2.96
C THR C 15 -0.63 -15.88 3.60
N VAL C 16 -1.17 -14.88 4.30
CA VAL C 16 -2.49 -14.99 4.98
C VAL C 16 -3.56 -15.26 3.93
N GLU C 17 -3.47 -14.61 2.77
CA GLU C 17 -4.47 -14.74 1.67
C GLU C 17 -4.49 -16.21 1.24
N LEU C 18 -3.33 -16.76 0.90
CA LEU C 18 -3.14 -18.12 0.33
C LEU C 18 -3.83 -19.18 1.20
N LEU C 19 -3.73 -19.08 2.53
CA LEU C 19 -4.31 -20.06 3.48
C LEU C 19 -5.82 -19.85 3.61
N SER C 20 -6.29 -18.63 3.38
CA SER C 20 -7.74 -18.30 3.37
C SER C 20 -8.36 -18.85 2.08
N PHE C 21 -7.52 -19.31 1.15
CA PHE C 21 -7.94 -20.01 -0.09
C PHE C 21 -8.72 -21.27 0.30
N LEU C 22 -8.06 -22.19 1.03
CA LEU C 22 -8.69 -23.40 1.65
C LEU C 22 -9.89 -22.98 2.48
N PRO C 23 -11.06 -23.61 2.29
CA PRO C 23 -12.28 -23.23 3.02
C PRO C 23 -12.12 -23.54 4.52
N SER C 24 -12.93 -22.91 5.36
CA SER C 24 -12.76 -22.93 6.83
C SER C 24 -13.01 -24.36 7.35
N ASP C 25 -13.84 -25.14 6.64
CA ASP C 25 -14.29 -26.48 7.07
C ASP C 25 -13.28 -27.55 6.61
N PHE C 26 -12.20 -27.16 5.93
CA PHE C 26 -11.10 -28.08 5.51
C PHE C 26 -10.14 -28.33 6.69
N PHE C 27 -10.10 -27.40 7.64
CA PHE C 27 -9.13 -27.39 8.76
C PHE C 27 -9.65 -28.31 9.85
N PRO C 28 -8.80 -29.20 10.42
CA PRO C 28 -9.16 -29.95 11.62
C PRO C 28 -9.61 -28.99 12.72
N SER C 29 -10.12 -29.50 13.84
CA SER C 29 -10.43 -28.70 15.06
C SER C 29 -9.11 -28.21 15.69
N VAL C 30 -9.17 -27.22 16.59
CA VAL C 30 -8.00 -26.82 17.43
C VAL C 30 -7.67 -28.03 18.32
N ARG C 31 -8.68 -28.49 19.07
CA ARG C 31 -8.64 -29.68 19.95
C ARG C 31 -7.77 -30.75 19.28
N ASP C 32 -8.06 -31.08 18.02
CA ASP C 32 -7.43 -32.22 17.29
C ASP C 32 -6.00 -31.84 16.86
N LEU C 33 -5.74 -30.55 16.65
CA LEU C 33 -4.48 -30.07 16.03
C LEU C 33 -3.39 -30.05 17.10
N LEU C 34 -3.75 -29.62 18.31
CA LEU C 34 -2.86 -29.62 19.51
C LEU C 34 -2.56 -31.07 19.92
N ASP C 35 -3.60 -31.93 19.97
CA ASP C 35 -3.48 -33.39 20.26
C ASP C 35 -2.49 -34.03 19.28
N THR C 36 -2.42 -33.51 18.05
CA THR C 36 -1.61 -34.08 16.95
C THR C 36 -0.15 -33.61 17.10
N ALA C 37 0.03 -32.33 17.44
CA ALA C 37 1.36 -31.70 17.63
C ALA C 37 2.04 -32.39 18.81
N ALA C 38 1.27 -32.60 19.89
CA ALA C 38 1.65 -33.36 21.11
C ALA C 38 2.11 -34.76 20.71
N ALA C 39 1.21 -35.52 20.08
CA ALA C 39 1.36 -36.96 19.77
C ALA C 39 2.55 -37.19 18.82
N LEU C 40 3.00 -36.16 18.11
CA LEU C 40 3.98 -36.32 17.00
C LEU C 40 5.30 -35.60 17.31
N TYR C 41 5.26 -34.53 18.12
CA TYR C 41 6.33 -33.50 18.18
C TYR C 41 6.62 -33.06 19.62
N ARG C 42 5.98 -33.65 20.63
CA ARG C 42 6.17 -33.25 22.05
C ARG C 42 7.67 -33.22 22.39
N ASP C 43 8.41 -34.26 22.03
CA ASP C 43 9.85 -34.37 22.39
C ASP C 43 10.58 -33.15 21.81
N ALA C 44 10.28 -32.79 20.56
CA ALA C 44 10.96 -31.72 19.78
C ALA C 44 10.46 -30.34 20.20
N LEU C 45 9.16 -30.20 20.45
CA LEU C 45 8.52 -28.93 20.86
C LEU C 45 9.04 -28.52 22.23
N GLU C 46 9.14 -29.50 23.16
CA GLU C 46 9.56 -29.29 24.58
C GLU C 46 11.09 -29.21 24.64
N SER C 47 11.79 -29.70 23.60
CA SER C 47 13.27 -29.67 23.43
C SER C 47 13.86 -28.31 23.81
N PRO C 48 15.15 -28.28 24.24
CA PRO C 48 15.92 -27.04 24.32
C PRO C 48 16.82 -26.83 23.10
N GLU C 49 16.33 -27.20 21.90
CA GLU C 49 16.98 -26.89 20.61
C GLU C 49 15.97 -26.19 19.70
N HIS C 50 16.44 -25.29 18.84
CA HIS C 50 15.56 -24.59 17.87
C HIS C 50 14.82 -25.66 17.07
N CYS C 51 15.56 -26.62 16.51
CA CYS C 51 15.08 -27.75 15.68
C CYS C 51 14.81 -27.24 14.26
N SER C 52 13.89 -26.27 14.13
CA SER C 52 13.57 -25.56 12.86
C SER C 52 12.75 -24.31 13.15
N PRO C 53 12.74 -23.35 12.20
CA PRO C 53 11.86 -22.19 12.26
C PRO C 53 10.39 -22.55 12.44
N HIS C 54 9.95 -23.68 11.86
CA HIS C 54 8.56 -24.18 11.99
C HIS C 54 8.30 -24.51 13.45
N HIS C 55 9.29 -25.16 14.09
CA HIS C 55 9.22 -25.58 15.51
C HIS C 55 9.05 -24.33 16.39
N THR C 56 9.88 -23.31 16.14
CA THR C 56 9.84 -22.02 16.88
C THR C 56 8.44 -21.42 16.79
N ALA C 57 7.89 -21.31 15.57
CA ALA C 57 6.62 -20.63 15.29
C ALA C 57 5.46 -21.38 15.98
N LEU C 58 5.46 -22.71 15.83
CA LEU C 58 4.40 -23.61 16.34
C LEU C 58 4.34 -23.49 17.88
N ARG C 59 5.50 -23.56 18.54
CA ARG C 59 5.64 -23.38 20.02
C ARG C 59 4.84 -22.14 20.46
N GLN C 60 5.11 -21.00 19.81
CA GLN C 60 4.52 -19.69 20.17
C GLN C 60 2.99 -19.75 19.93
N ALA C 61 2.60 -20.28 18.76
CA ALA C 61 1.18 -20.46 18.35
C ALA C 61 0.42 -21.27 19.41
N ILE C 62 0.99 -22.39 19.87
CA ILE C 62 0.35 -23.29 20.87
C ILE C 62 0.19 -22.52 22.18
N LEU C 63 1.29 -21.90 22.63
CA LEU C 63 1.35 -21.15 23.91
C LEU C 63 0.36 -19.99 23.84
N CYS C 64 0.31 -19.29 22.70
CA CYS C 64 -0.61 -18.14 22.47
C CYS C 64 -2.06 -18.60 22.58
N TRP C 65 -2.42 -19.74 21.95
CA TRP C 65 -3.79 -20.30 22.01
C TRP C 65 -4.14 -20.55 23.49
N GLY C 66 -3.20 -21.14 24.24
CA GLY C 66 -3.25 -21.24 25.71
C GLY C 66 -3.71 -19.94 26.34
N ASP C 67 -2.96 -18.85 26.12
CA ASP C 67 -3.22 -17.49 26.68
C ASP C 67 -4.63 -17.03 26.31
N LEU C 68 -5.01 -17.16 25.03
CA LEU C 68 -6.34 -16.72 24.52
C LEU C 68 -7.44 -17.46 25.29
N MET C 69 -7.22 -18.76 25.56
CA MET C 69 -8.19 -19.65 26.26
C MET C 69 -8.22 -19.32 27.76
N THR C 70 -7.05 -19.19 28.40
CA THR C 70 -6.92 -18.74 29.82
C THR C 70 -7.74 -17.47 30.03
N LEU C 71 -7.69 -16.53 29.06
CA LEU C 71 -8.46 -15.25 29.10
C LEU C 71 -9.95 -15.56 29.01
N ALA C 72 -10.36 -16.39 28.03
CA ALA C 72 -11.77 -16.76 27.78
C ALA C 72 -12.35 -17.49 28.99
N THR C 73 -11.59 -18.44 29.57
CA THR C 73 -11.94 -19.19 30.80
C THR C 73 -12.12 -18.21 31.97
N TRP C 74 -11.15 -17.31 32.17
CA TRP C 74 -11.15 -16.31 33.26
C TRP C 74 -12.33 -15.33 33.10
N VAL C 75 -12.75 -15.04 31.86
CA VAL C 75 -13.97 -14.21 31.58
C VAL C 75 -15.21 -15.01 32.02
N ASP C 86 -20.77 -16.58 27.87
CA ASP C 86 -21.52 -17.28 26.77
C ASP C 86 -20.97 -16.82 25.42
N LEU C 87 -21.21 -15.56 25.05
CA LEU C 87 -20.95 -15.01 23.69
C LEU C 87 -19.46 -14.69 23.51
N VAL C 88 -18.70 -14.59 24.61
CA VAL C 88 -17.23 -14.29 24.61
C VAL C 88 -16.46 -15.55 24.20
N VAL C 89 -16.71 -16.68 24.89
CA VAL C 89 -16.06 -18.00 24.61
C VAL C 89 -16.59 -18.52 23.26
N SER C 90 -17.66 -17.91 22.73
CA SER C 90 -18.24 -18.21 21.39
C SER C 90 -17.44 -17.47 20.30
N TYR C 91 -17.06 -16.21 20.55
CA TYR C 91 -16.36 -15.30 19.60
C TYR C 91 -15.00 -15.89 19.19
N VAL C 92 -14.29 -16.49 20.15
CA VAL C 92 -12.92 -17.05 19.94
C VAL C 92 -13.01 -18.16 18.88
N ASN C 93 -13.97 -19.08 19.06
CA ASN C 93 -14.17 -20.27 18.18
C ASN C 93 -14.59 -19.81 16.78
N THR C 94 -15.22 -18.63 16.66
CA THR C 94 -15.72 -18.05 15.38
C THR C 94 -14.55 -17.47 14.57
N ASN C 95 -13.75 -16.60 15.17
CA ASN C 95 -12.87 -15.63 14.45
C ASN C 95 -11.39 -16.02 14.61
N VAL C 96 -10.91 -16.12 15.86
CA VAL C 96 -9.49 -16.45 16.18
C VAL C 96 -9.27 -17.95 15.91
N GLY C 97 -10.27 -18.79 16.23
CA GLY C 97 -10.26 -20.25 15.98
C GLY C 97 -9.76 -20.59 14.59
N LEU C 98 -10.42 -20.06 13.56
CA LEU C 98 -10.00 -20.25 12.14
C LEU C 98 -8.51 -19.87 12.01
N LYS C 99 -8.10 -18.77 12.65
CA LYS C 99 -6.75 -18.17 12.48
C LYS C 99 -5.71 -19.17 12.97
N PHE C 100 -5.94 -19.77 14.14
CA PHE C 100 -5.01 -20.71 14.82
C PHE C 100 -5.10 -22.09 14.17
N ARG C 101 -6.30 -22.52 13.78
CA ARG C 101 -6.54 -23.75 12.97
C ARG C 101 -5.71 -23.67 11.68
N GLN C 102 -5.79 -22.57 10.96
CA GLN C 102 -4.94 -22.32 9.76
C GLN C 102 -3.47 -22.51 10.16
N LEU C 103 -3.05 -21.86 11.24
CA LEU C 103 -1.62 -21.64 11.61
C LEU C 103 -1.02 -22.94 12.20
N LEU C 104 -1.77 -23.56 13.12
CA LEU C 104 -1.41 -24.90 13.65
C LEU C 104 -1.31 -25.89 12.48
N TRP C 105 -2.35 -25.95 11.63
CA TRP C 105 -2.37 -26.89 10.47
C TRP C 105 -1.14 -26.66 9.61
N PHE C 106 -0.86 -25.41 9.25
CA PHE C 106 0.20 -25.06 8.27
C PHE C 106 1.52 -25.66 8.77
N HIS C 107 1.79 -25.46 10.05
CA HIS C 107 3.12 -25.72 10.67
C HIS C 107 3.30 -27.23 10.88
N ILE C 108 2.26 -27.89 11.41
CA ILE C 108 2.25 -29.36 11.62
C ILE C 108 2.44 -30.06 10.26
N SER C 109 1.66 -29.63 9.24
CA SER C 109 1.69 -30.18 7.85
C SER C 109 3.07 -29.93 7.24
N CYS C 110 3.71 -28.81 7.59
CA CYS C 110 5.02 -28.42 7.03
C CYS C 110 6.10 -29.32 7.64
N LEU C 111 5.90 -29.75 8.88
CA LEU C 111 6.87 -30.63 9.59
C LEU C 111 6.68 -32.08 9.14
N THR C 112 5.42 -32.51 8.95
CA THR C 112 5.04 -33.90 8.56
C THR C 112 5.40 -34.18 7.10
N PHE C 113 4.92 -33.36 6.15
CA PHE C 113 4.88 -33.64 4.69
C PHE C 113 5.97 -32.89 3.94
N GLY C 114 6.38 -31.72 4.46
CA GLY C 114 7.40 -30.85 3.84
C GLY C 114 6.80 -29.55 3.33
N ARG C 115 7.42 -28.41 3.67
CA ARG C 115 6.92 -27.06 3.35
C ARG C 115 6.50 -27.01 1.87
N GLU C 116 7.44 -27.32 0.96
CA GLU C 116 7.24 -27.21 -0.52
C GLU C 116 5.96 -27.96 -0.92
N THR C 117 5.79 -29.18 -0.39
CA THR C 117 4.63 -30.08 -0.63
C THR C 117 3.33 -29.44 -0.11
N VAL C 118 3.36 -28.75 1.04
CA VAL C 118 2.16 -28.16 1.68
C VAL C 118 1.69 -26.97 0.84
N LEU C 119 2.61 -26.33 0.11
CA LEU C 119 2.32 -25.09 -0.66
C LEU C 119 1.60 -25.47 -1.96
N GLU C 120 2.14 -26.45 -2.70
CA GLU C 120 1.45 -27.10 -3.85
C GLU C 120 0.05 -27.51 -3.43
N TYR C 121 -0.06 -28.34 -2.38
CA TYR C 121 -1.35 -28.92 -1.92
C TYR C 121 -2.38 -27.79 -1.66
N LEU C 122 -1.92 -26.62 -1.22
CA LEU C 122 -2.76 -25.47 -0.81
C LEU C 122 -3.59 -24.98 -2.00
N VAL C 123 -2.94 -24.89 -3.17
CA VAL C 123 -3.54 -24.40 -4.45
C VAL C 123 -4.31 -25.55 -5.09
N SER C 124 -3.65 -26.69 -5.28
CA SER C 124 -4.28 -27.99 -5.64
C SER C 124 -5.68 -28.09 -5.03
N PHE C 125 -5.81 -28.03 -3.70
CA PHE C 125 -7.10 -28.28 -3.02
C PHE C 125 -8.08 -27.13 -3.30
N GLY C 126 -7.59 -25.90 -3.33
CA GLY C 126 -8.45 -24.70 -3.49
C GLY C 126 -9.06 -24.61 -4.88
N VAL C 127 -8.28 -24.96 -5.90
CA VAL C 127 -8.75 -25.08 -7.32
C VAL C 127 -9.85 -26.15 -7.36
N TRP C 128 -9.53 -27.38 -6.91
CA TRP C 128 -10.42 -28.57 -6.93
C TRP C 128 -11.73 -28.26 -6.17
N ILE C 129 -11.65 -27.76 -4.94
CA ILE C 129 -12.87 -27.56 -4.10
C ILE C 129 -13.76 -26.52 -4.78
N ARG C 130 -13.20 -25.71 -5.68
CA ARG C 130 -13.91 -24.57 -6.30
C ARG C 130 -14.55 -25.02 -7.61
N THR C 131 -13.93 -25.99 -8.30
CA THR C 131 -14.55 -26.77 -9.40
C THR C 131 -15.88 -27.31 -8.90
N PRO C 132 -17.01 -27.07 -9.60
CA PRO C 132 -18.29 -27.65 -9.20
C PRO C 132 -18.27 -29.18 -9.14
N PRO C 133 -19.06 -29.79 -8.23
CA PRO C 133 -18.98 -31.23 -7.95
C PRO C 133 -19.03 -32.12 -9.19
N ALA C 134 -20.05 -31.91 -10.04
CA ALA C 134 -20.41 -32.77 -11.19
C ALA C 134 -19.22 -32.92 -12.16
N ALA C 135 -18.26 -31.99 -12.14
CA ALA C 135 -17.16 -31.91 -13.12
C ALA C 135 -15.84 -32.36 -12.51
N ARG C 136 -15.72 -32.31 -11.17
CA ARG C 136 -14.44 -32.62 -10.46
C ARG C 136 -14.45 -34.10 -10.11
N PRO C 137 -13.28 -34.79 -10.18
CA PRO C 137 -13.14 -36.13 -9.61
C PRO C 137 -13.82 -36.25 -8.24
N PRO C 138 -14.24 -37.46 -7.81
CA PRO C 138 -15.00 -37.62 -6.57
C PRO C 138 -14.21 -37.32 -5.28
N ASN C 139 -12.91 -37.65 -5.26
CA ASN C 139 -12.01 -37.41 -4.10
C ASN C 139 -11.08 -36.23 -4.39
N ALA C 140 -10.77 -35.45 -3.34
CA ALA C 140 -9.75 -34.38 -3.32
C ALA C 140 -8.40 -34.92 -3.80
N PRO C 141 -7.42 -34.03 -4.10
CA PRO C 141 -6.03 -34.46 -4.21
C PRO C 141 -5.51 -34.80 -2.81
N ILE C 142 -4.42 -35.58 -2.74
CA ILE C 142 -3.95 -36.21 -1.48
C ILE C 142 -2.62 -35.59 -1.09
N LEU C 143 -2.47 -35.31 0.22
CA LEU C 143 -1.27 -34.74 0.87
C LEU C 143 -0.47 -35.88 1.50
N SER C 144 0.80 -36.08 1.10
CA SER C 144 1.56 -37.32 1.40
C SER C 144 3.08 -37.09 1.32
N THR C 145 3.84 -38.05 1.88
CA THR C 145 5.23 -38.43 1.53
C THR C 145 6.21 -37.52 2.28
N MET D 4 0.70 -30.73 26.92
CA MET D 4 2.14 -30.46 26.64
C MET D 4 2.65 -29.35 27.57
N ASP D 5 3.97 -29.27 27.77
CA ASP D 5 4.61 -28.27 28.67
C ASP D 5 5.82 -27.66 27.95
N ILE D 6 5.61 -26.50 27.32
CA ILE D 6 6.58 -25.82 26.40
C ILE D 6 7.03 -24.52 27.08
N ASP D 7 8.36 -24.28 27.13
CA ASP D 7 8.94 -23.02 27.66
C ASP D 7 9.33 -22.13 26.49
N PRO D 8 8.62 -21.00 26.29
CA PRO D 8 8.92 -20.10 25.20
C PRO D 8 10.41 -19.75 25.19
N TYR D 9 11.04 -19.69 26.36
CA TYR D 9 12.41 -19.18 26.57
C TYR D 9 13.46 -20.31 26.45
N LYS D 10 13.05 -21.55 26.67
CA LYS D 10 13.95 -22.72 26.79
C LYS D 10 14.84 -22.84 25.55
N GLU D 11 14.31 -22.64 24.34
CA GLU D 11 15.08 -22.83 23.08
C GLU D 11 16.10 -21.70 22.96
N PHE D 12 15.94 -20.63 23.76
CA PHE D 12 16.75 -19.40 23.74
C PHE D 12 17.67 -19.34 24.97
N GLY D 13 17.82 -20.48 25.67
CA GLY D 13 18.79 -20.66 26.76
C GLY D 13 18.37 -19.99 28.06
N ALA D 14 17.06 -19.80 28.27
CA ALA D 14 16.50 -19.22 29.50
C ALA D 14 15.27 -20.02 29.92
N THR D 15 14.38 -19.45 30.75
CA THR D 15 13.20 -20.14 31.31
C THR D 15 12.18 -19.12 31.84
N VAL D 16 10.93 -19.54 32.01
CA VAL D 16 9.83 -18.66 32.51
C VAL D 16 10.22 -18.17 33.90
N GLU D 17 10.79 -19.04 34.75
CA GLU D 17 11.16 -18.71 36.14
C GLU D 17 12.15 -17.53 36.09
N LEU D 18 13.22 -17.71 35.33
CA LEU D 18 14.39 -16.78 35.25
C LEU D 18 13.92 -15.35 34.96
N LEU D 19 12.97 -15.16 34.05
CA LEU D 19 12.48 -13.82 33.62
C LEU D 19 11.53 -13.26 34.67
N SER D 20 10.87 -14.12 35.44
CA SER D 20 9.99 -13.70 36.55
C SER D 20 10.86 -13.23 37.72
N PHE D 21 12.18 -13.47 37.62
CA PHE D 21 13.20 -12.97 38.58
C PHE D 21 13.12 -11.44 38.60
N LEU D 22 13.38 -10.80 37.44
CA LEU D 22 13.20 -9.34 37.21
C LEU D 22 11.80 -8.91 37.63
N PRO D 23 11.68 -7.85 38.46
CA PRO D 23 10.37 -7.41 38.94
C PRO D 23 9.50 -6.89 37.78
N SER D 24 8.18 -6.84 37.98
CA SER D 24 7.21 -6.55 36.90
C SER D 24 7.39 -5.10 36.41
N ASP D 25 7.87 -4.21 37.28
CA ASP D 25 7.99 -2.75 37.01
C ASP D 25 9.33 -2.45 36.32
N PHE D 26 10.17 -3.46 36.08
CA PHE D 26 11.46 -3.30 35.34
C PHE D 26 11.22 -3.27 33.83
N PHE D 27 10.10 -3.86 33.39
CA PHE D 27 9.77 -4.07 31.96
C PHE D 27 9.17 -2.77 31.42
N PRO D 28 9.60 -2.31 30.23
CA PRO D 28 8.92 -1.21 29.54
C PRO D 28 7.44 -1.54 29.37
N SER D 29 6.62 -0.58 28.90
CA SER D 29 5.21 -0.83 28.52
C SER D 29 5.17 -1.72 27.26
N VAL D 30 4.01 -2.31 26.97
CA VAL D 30 3.78 -3.02 25.66
C VAL D 30 3.88 -1.96 24.56
N ARG D 31 3.05 -0.91 24.69
CA ARG D 31 3.02 0.28 23.78
C ARG D 31 4.47 0.59 23.36
N ASP D 32 5.39 0.73 24.31
CA ASP D 32 6.77 1.22 24.07
C ASP D 32 7.62 0.10 23.45
N LEU D 33 7.27 -1.16 23.69
CA LEU D 33 8.10 -2.32 23.28
C LEU D 33 7.86 -2.61 21.81
N LEU D 34 6.60 -2.52 21.39
CA LEU D 34 6.18 -2.65 19.96
C LEU D 34 6.74 -1.47 19.15
N ASP D 35 6.61 -0.24 19.67
CA ASP D 35 7.20 1.01 19.07
C ASP D 35 8.70 0.83 18.87
N THR D 36 9.36 0.05 19.72
CA THR D 36 10.84 -0.13 19.69
C THR D 36 11.20 -1.19 18.65
N ALA D 37 10.41 -2.27 18.59
CA ALA D 37 10.59 -3.38 17.63
C ALA D 37 10.42 -2.82 16.22
N ALA D 38 9.37 -2.00 16.05
CA ALA D 38 9.05 -1.24 14.82
C ALA D 38 10.25 -0.37 14.43
N ALA D 39 10.65 0.53 15.33
CA ALA D 39 11.65 1.59 15.10
C ALA D 39 13.02 0.98 14.78
N LEU D 40 13.25 -0.28 15.11
CA LEU D 40 14.60 -0.89 15.04
C LEU D 40 14.65 -2.05 14.04
N TYR D 41 13.52 -2.73 13.81
CA TYR D 41 13.49 -4.11 13.23
C TYR D 41 12.33 -4.28 12.24
N ARG D 42 11.56 -3.22 11.93
CA ARG D 42 10.37 -3.33 11.04
C ARG D 42 10.78 -3.98 9.72
N ASP D 43 11.87 -3.53 9.12
CA ASP D 43 12.34 -4.03 7.81
C ASP D 43 12.56 -5.54 7.92
N ALA D 44 13.19 -6.00 9.02
CA ALA D 44 13.59 -7.41 9.25
C ALA D 44 12.38 -8.25 9.69
N LEU D 45 11.52 -7.70 10.54
CA LEU D 45 10.31 -8.39 11.06
C LEU D 45 9.35 -8.66 9.89
N GLU D 46 9.16 -7.66 9.02
CA GLU D 46 8.22 -7.70 7.86
C GLU D 46 8.87 -8.47 6.69
N SER D 47 10.20 -8.62 6.72
CA SER D 47 11.02 -9.39 5.74
C SER D 47 10.39 -10.74 5.40
N PRO D 48 10.65 -11.29 4.20
CA PRO D 48 10.38 -12.70 3.89
C PRO D 48 11.62 -13.58 4.06
N GLU D 49 12.45 -13.31 5.07
CA GLU D 49 13.61 -14.16 5.46
C GLU D 49 13.51 -14.48 6.95
N HIS D 50 13.95 -15.66 7.36
CA HIS D 50 13.91 -16.09 8.78
C HIS D 50 14.61 -15.01 9.61
N CYS D 51 15.84 -14.66 9.20
CA CYS D 51 16.73 -13.66 9.84
C CYS D 51 17.38 -14.30 11.06
N SER D 52 16.57 -14.72 12.03
CA SER D 52 17.00 -15.46 13.25
C SER D 52 15.80 -16.07 13.97
N PRO D 53 16.04 -17.10 14.81
CA PRO D 53 15.00 -17.66 15.66
C PRO D 53 14.32 -16.61 16.55
N HIS D 54 15.07 -15.57 16.97
CA HIS D 54 14.52 -14.46 17.80
C HIS D 54 13.49 -13.71 16.96
N HIS D 55 13.81 -13.49 15.69
CA HIS D 55 12.94 -12.77 14.72
C HIS D 55 11.61 -13.54 14.57
N THR D 56 11.72 -14.86 14.37
CA THR D 56 10.55 -15.77 14.22
C THR D 56 9.64 -15.63 15.44
N ALA D 57 10.22 -15.75 16.64
CA ALA D 57 9.48 -15.80 17.92
C ALA D 57 8.75 -14.46 18.14
N LEU D 58 9.48 -13.36 17.92
CA LEU D 58 9.00 -11.99 18.17
C LEU D 58 7.79 -11.70 17.26
N ARG D 59 7.90 -12.03 15.96
CA ARG D 59 6.79 -11.93 14.96
C ARG D 59 5.50 -12.50 15.58
N GLN D 60 5.57 -13.74 16.06
CA GLN D 60 4.40 -14.49 16.58
C GLN D 60 3.86 -13.78 17.83
N ALA D 61 4.78 -13.40 18.74
CA ALA D 61 4.48 -12.68 20.00
C ALA D 61 3.70 -11.39 19.68
N ILE D 62 4.17 -10.60 18.72
CA ILE D 62 3.54 -9.30 18.34
C ILE D 62 2.13 -9.58 17.81
N LEU D 63 2.03 -10.53 16.87
CA LEU D 63 0.75 -10.89 16.22
C LEU D 63 -0.23 -11.44 17.26
N CYS D 64 0.28 -12.26 18.20
CA CYS D 64 -0.52 -12.84 19.31
C CYS D 64 -1.10 -11.73 20.19
N TRP D 65 -0.25 -10.74 20.56
CA TRP D 65 -0.67 -9.59 21.40
C TRP D 65 -1.82 -8.87 20.70
N GLY D 66 -1.70 -8.66 19.39
CA GLY D 66 -2.79 -8.19 18.52
C GLY D 66 -4.10 -8.89 18.84
N ASP D 67 -4.13 -10.21 18.68
CA ASP D 67 -5.32 -11.09 18.88
C ASP D 67 -5.86 -10.91 20.30
N LEU D 68 -4.99 -10.95 21.32
CA LEU D 68 -5.39 -10.84 22.74
C LEU D 68 -6.10 -9.51 22.98
N MET D 69 -5.62 -8.44 22.34
CA MET D 69 -6.16 -7.07 22.50
C MET D 69 -7.47 -6.93 21.71
N THR D 70 -7.52 -7.43 20.47
CA THR D 70 -8.76 -7.51 19.65
C THR D 70 -9.88 -8.16 20.47
N LEU D 71 -9.56 -9.21 21.25
CA LEU D 71 -10.52 -9.92 22.13
C LEU D 71 -10.94 -8.97 23.27
N ALA D 72 -9.99 -8.33 23.94
CA ALA D 72 -10.26 -7.40 25.06
C ALA D 72 -11.09 -6.19 24.59
N THR D 73 -10.76 -5.63 23.42
CA THR D 73 -11.52 -4.54 22.75
C THR D 73 -12.96 -5.01 22.46
N TRP D 74 -13.11 -6.19 21.86
CA TRP D 74 -14.43 -6.82 21.52
C TRP D 74 -15.26 -7.07 22.79
N VAL D 75 -14.62 -7.35 23.94
CA VAL D 75 -15.35 -7.45 25.25
C VAL D 75 -15.83 -6.06 25.67
N GLY D 76 -15.02 -5.02 25.42
CA GLY D 76 -15.38 -3.60 25.63
C GLY D 76 -16.58 -3.15 24.80
N THR D 77 -16.55 -3.44 23.50
CA THR D 77 -17.60 -3.08 22.50
C THR D 77 -18.72 -4.13 22.54
N LEU D 87 -13.25 -4.70 34.68
CA LEU D 87 -12.32 -5.65 35.35
C LEU D 87 -11.63 -6.55 34.32
N VAL D 88 -12.19 -6.65 33.10
CA VAL D 88 -11.69 -7.55 32.00
C VAL D 88 -10.43 -6.94 31.39
N VAL D 89 -10.51 -5.68 30.94
CA VAL D 89 -9.37 -4.92 30.32
C VAL D 89 -8.34 -4.62 31.42
N SER D 90 -8.72 -4.80 32.69
CA SER D 90 -7.87 -4.57 33.88
C SER D 90 -6.98 -5.79 34.15
N TYR D 91 -7.55 -7.00 34.06
CA TYR D 91 -6.84 -8.27 34.43
C TYR D 91 -5.69 -8.53 33.44
N VAL D 92 -5.84 -8.09 32.19
CA VAL D 92 -4.83 -8.21 31.10
C VAL D 92 -3.51 -7.58 31.55
N ASN D 93 -3.53 -6.38 32.13
CA ASN D 93 -2.33 -5.61 32.56
C ASN D 93 -1.59 -6.38 33.67
N THR D 94 -2.34 -7.14 34.48
CA THR D 94 -1.80 -7.86 35.68
C THR D 94 -1.13 -9.16 35.22
N ASN D 95 -1.77 -9.94 34.34
CA ASN D 95 -1.38 -11.35 34.02
C ASN D 95 -0.73 -11.46 32.63
N VAL D 96 -1.46 -11.20 31.54
CA VAL D 96 -0.96 -11.42 30.15
C VAL D 96 0.05 -10.33 29.79
N GLY D 97 -0.27 -9.08 30.16
CA GLY D 97 0.58 -7.89 29.95
C GLY D 97 2.02 -8.16 30.34
N LEU D 98 2.21 -8.57 31.61
CA LEU D 98 3.54 -8.95 32.15
C LEU D 98 4.17 -9.99 31.21
N LYS D 99 3.37 -10.97 30.76
CA LYS D 99 3.86 -12.16 30.01
C LYS D 99 4.50 -11.68 28.71
N PHE D 100 3.81 -10.78 28.00
CA PHE D 100 4.21 -10.29 26.65
C PHE D 100 5.30 -9.22 26.80
N ARG D 101 5.19 -8.36 27.84
CA ARG D 101 6.25 -7.40 28.22
C ARG D 101 7.57 -8.15 28.47
N GLN D 102 7.53 -9.22 29.27
CA GLN D 102 8.70 -10.11 29.47
C GLN D 102 9.23 -10.57 28.11
N LEU D 103 8.34 -11.07 27.25
CA LEU D 103 8.67 -11.87 26.04
C LEU D 103 9.12 -10.92 24.92
N LEU D 104 8.38 -9.83 24.71
CA LEU D 104 8.81 -8.75 23.80
C LEU D 104 10.19 -8.22 24.25
N TRP D 105 10.33 -7.87 25.54
CA TRP D 105 11.61 -7.33 26.07
C TRP D 105 12.73 -8.32 25.80
N PHE D 106 12.54 -9.59 26.11
CA PHE D 106 13.60 -10.64 26.06
C PHE D 106 14.17 -10.65 24.64
N HIS D 107 13.28 -10.63 23.66
CA HIS D 107 13.61 -10.91 22.24
C HIS D 107 14.26 -9.68 21.63
N ILE D 108 13.69 -8.49 21.88
CA ILE D 108 14.25 -7.20 21.42
C ILE D 108 15.66 -7.02 22.01
N SER D 109 15.81 -7.24 23.32
CA SER D 109 17.09 -7.12 24.08
C SER D 109 18.08 -8.15 23.54
N CYS D 110 17.61 -9.31 23.10
CA CYS D 110 18.48 -10.40 22.61
C CYS D 110 19.01 -10.02 21.21
N LEU D 111 18.23 -9.26 20.46
CA LEU D 111 18.60 -8.82 19.10
C LEU D 111 19.53 -7.61 19.21
N THR D 112 19.26 -6.68 20.13
CA THR D 112 20.01 -5.42 20.35
C THR D 112 21.39 -5.69 20.98
N PHE D 113 21.43 -6.39 22.13
CA PHE D 113 22.60 -6.46 23.05
C PHE D 113 23.32 -7.80 22.94
N GLY D 114 22.59 -8.86 22.57
CA GLY D 114 23.13 -10.22 22.43
C GLY D 114 22.58 -11.16 23.49
N ARG D 115 22.10 -12.33 23.08
CA ARG D 115 21.42 -13.32 23.97
C ARG D 115 22.27 -13.50 25.24
N GLU D 116 23.53 -13.91 25.09
CA GLU D 116 24.45 -14.24 26.22
C GLU D 116 24.47 -13.08 27.23
N THR D 117 24.59 -11.85 26.72
CA THR D 117 24.61 -10.59 27.51
C THR D 117 23.28 -10.37 28.25
N VAL D 118 22.15 -10.72 27.64
CA VAL D 118 20.80 -10.48 28.23
C VAL D 118 20.61 -11.45 29.40
N LEU D 119 21.28 -12.61 29.35
CA LEU D 119 21.11 -13.70 30.36
C LEU D 119 21.88 -13.33 31.64
N GLU D 120 23.16 -12.94 31.50
CA GLU D 120 23.96 -12.33 32.59
C GLU D 120 23.15 -11.21 33.25
N TYR D 121 22.73 -10.22 32.45
CA TYR D 121 22.05 -9.00 32.95
C TYR D 121 20.82 -9.39 33.78
N LEU D 122 20.15 -10.50 33.43
CA LEU D 122 18.88 -10.96 34.04
C LEU D 122 19.11 -11.26 35.53
N VAL D 123 20.23 -11.92 35.85
CA VAL D 123 20.61 -12.34 37.22
C VAL D 123 21.24 -11.15 37.94
N SER D 124 22.27 -10.55 37.32
CA SER D 124 22.84 -9.23 37.71
C SER D 124 21.74 -8.34 38.30
N PHE D 125 20.71 -8.02 37.54
CA PHE D 125 19.69 -7.02 37.96
C PHE D 125 18.84 -7.56 39.10
N GLY D 126 18.51 -8.85 39.06
CA GLY D 126 17.61 -9.48 40.04
C GLY D 126 18.26 -9.57 41.42
N VAL D 127 19.55 -9.90 41.47
CA VAL D 127 20.37 -9.91 42.70
C VAL D 127 20.39 -8.48 43.28
N TRP D 128 20.83 -7.50 42.48
CA TRP D 128 20.97 -6.06 42.86
C TRP D 128 19.63 -5.51 43.36
N ILE D 129 18.55 -5.67 42.60
CA ILE D 129 17.24 -5.06 42.96
C ILE D 129 16.76 -5.65 44.28
N ARG D 130 17.29 -6.82 44.66
CA ARG D 130 16.81 -7.59 45.84
C ARG D 130 17.66 -7.21 47.06
N THR D 131 18.93 -6.85 46.84
CA THR D 131 19.77 -6.13 47.84
C THR D 131 18.99 -4.92 48.33
N PRO D 132 18.79 -4.76 49.66
CA PRO D 132 18.06 -3.59 50.17
C PRO D 132 18.75 -2.28 49.79
N PRO D 133 17.96 -1.19 49.62
CA PRO D 133 18.48 0.06 49.05
C PRO D 133 19.75 0.60 49.73
N ALA D 134 19.70 0.71 51.06
CA ALA D 134 20.71 1.36 51.91
C ALA D 134 22.09 0.70 51.74
N ALA D 135 22.16 -0.54 51.24
CA ALA D 135 23.40 -1.33 51.15
C ALA D 135 23.89 -1.43 49.69
N ARG D 136 22.99 -1.25 48.71
CA ARG D 136 23.33 -1.43 47.27
C ARG D 136 23.81 -0.12 46.68
N PRO D 137 24.81 -0.15 45.78
CA PRO D 137 25.17 1.02 44.96
C PRO D 137 23.93 1.77 44.46
N PRO D 138 24.05 3.08 44.17
CA PRO D 138 22.88 3.90 43.79
C PRO D 138 22.27 3.54 42.42
N ASN D 139 23.10 3.15 41.45
CA ASN D 139 22.66 2.77 40.08
C ASN D 139 22.70 1.24 39.91
N ALA D 140 21.71 0.71 39.18
CA ALA D 140 21.65 -0.68 38.67
C ALA D 140 22.93 -1.01 37.89
N PRO D 141 23.19 -2.30 37.58
CA PRO D 141 24.14 -2.65 36.53
C PRO D 141 23.54 -2.28 35.16
N ILE D 142 24.40 -2.15 34.15
CA ILE D 142 24.02 -1.53 32.85
C ILE D 142 24.09 -2.61 31.77
N LEU D 143 23.08 -2.60 30.88
CA LEU D 143 22.91 -3.50 29.72
C LEU D 143 23.41 -2.78 28.47
N SER D 144 24.41 -3.33 27.76
CA SER D 144 25.21 -2.54 26.78
C SER D 144 25.80 -3.40 25.67
N THR D 145 26.22 -2.69 24.59
CA THR D 145 26.78 -3.18 23.32
C THR D 145 28.30 -2.96 23.29
N SER E 3 -3.21 12.04 -3.56
CA SER E 3 -2.47 11.79 -4.83
C SER E 3 -1.05 11.30 -4.51
N MET E 4 -0.27 12.10 -3.77
CA MET E 4 1.18 11.83 -3.51
C MET E 4 1.41 11.55 -2.02
N ASP E 5 2.51 10.87 -1.70
CA ASP E 5 2.93 10.50 -0.33
C ASP E 5 4.43 10.79 -0.20
N ILE E 6 4.75 11.95 0.39
CA ILE E 6 6.13 12.52 0.49
C ILE E 6 6.58 12.48 1.96
N ASP E 7 7.77 11.96 2.23
CA ASP E 7 8.38 11.97 3.60
C ASP E 7 9.43 13.07 3.65
N PRO E 8 9.16 14.17 4.41
CA PRO E 8 10.11 15.26 4.54
C PRO E 8 11.50 14.73 4.89
N TYR E 9 11.56 13.63 5.65
CA TYR E 9 12.81 13.10 6.28
C TYR E 9 13.49 12.07 5.38
N LYS E 10 12.74 11.45 4.47
CA LYS E 10 13.19 10.30 3.65
C LYS E 10 14.49 10.65 2.90
N GLU E 11 14.59 11.85 2.32
CA GLU E 11 15.76 12.22 1.48
C GLU E 11 16.97 12.45 2.39
N PHE E 12 16.73 12.55 3.70
CA PHE E 12 17.73 12.86 4.74
C PHE E 12 18.01 11.61 5.58
N GLY E 13 17.59 10.44 5.09
CA GLY E 13 17.95 9.12 5.64
C GLY E 13 17.19 8.78 6.91
N ALA E 14 16.00 9.36 7.10
CA ALA E 14 15.11 9.05 8.24
C ALA E 14 13.66 8.95 7.74
N THR E 15 12.68 9.13 8.62
CA THR E 15 11.23 8.94 8.32
C THR E 15 10.40 9.63 9.40
N VAL E 16 9.13 9.88 9.10
CA VAL E 16 8.17 10.54 10.05
C VAL E 16 8.05 9.66 11.29
N GLU E 17 7.98 8.34 11.11
CA GLU E 17 7.80 7.36 12.22
C GLU E 17 8.98 7.51 13.18
N LEU E 18 10.21 7.45 12.64
CA LEU E 18 11.48 7.43 13.41
C LEU E 18 11.55 8.62 14.38
N LEU E 19 11.14 9.82 13.95
CA LEU E 19 11.21 11.06 14.75
C LEU E 19 10.08 11.08 15.77
N SER E 20 8.97 10.39 15.49
CA SER E 20 7.84 10.26 16.45
C SER E 20 8.24 9.27 17.55
N PHE E 21 9.38 8.60 17.37
CA PHE E 21 10.01 7.73 18.40
C PHE E 21 10.32 8.59 19.64
N LEU E 22 11.17 9.61 19.49
CA LEU E 22 11.45 10.63 20.54
C LEU E 22 10.14 11.23 21.04
N PRO E 23 9.92 11.28 22.38
CA PRO E 23 8.67 11.79 22.94
C PRO E 23 8.52 13.29 22.63
N SER E 24 7.28 13.79 22.70
CA SER E 24 6.95 15.16 22.24
C SER E 24 7.64 16.21 23.13
N ASP E 25 7.93 15.86 24.38
CA ASP E 25 8.48 16.78 25.41
C ASP E 25 10.01 16.79 25.32
N PHE E 26 10.63 16.02 24.42
CA PHE E 26 12.09 16.01 24.20
C PHE E 26 12.51 17.18 23.32
N PHE E 27 11.57 17.71 22.52
CA PHE E 27 11.83 18.74 21.50
C PHE E 27 11.82 20.11 22.18
N PRO E 28 12.81 20.99 21.88
CA PRO E 28 12.76 22.38 22.31
C PRO E 28 11.43 23.02 21.86
N SER E 29 11.14 24.24 22.29
CA SER E 29 10.00 25.05 21.79
C SER E 29 10.27 25.46 20.34
N VAL E 30 9.22 25.88 19.61
CA VAL E 30 9.40 26.50 18.27
C VAL E 30 10.18 27.81 18.47
N ARG E 31 9.64 28.67 19.35
CA ARG E 31 10.25 29.96 19.79
C ARG E 31 11.77 29.78 19.89
N ASP E 32 12.23 28.75 20.61
CA ASP E 32 13.67 28.54 20.93
C ASP E 32 14.41 27.99 19.71
N LEU E 33 13.71 27.29 18.81
CA LEU E 33 14.33 26.56 17.68
C LEU E 33 14.66 27.55 16.57
N LEU E 34 13.74 28.49 16.32
CA LEU E 34 13.92 29.60 15.34
C LEU E 34 15.03 30.54 15.85
N ASP E 35 14.97 30.93 17.14
CA ASP E 35 16.01 31.76 17.83
C ASP E 35 17.39 31.11 17.66
N THR E 36 17.46 29.78 17.58
CA THR E 36 18.73 29.02 17.52
C THR E 36 19.24 28.99 16.08
N ALA E 37 18.32 28.81 15.12
CA ALA E 37 18.62 28.76 13.67
C ALA E 37 19.17 30.13 13.27
N ALA E 38 18.49 31.18 13.74
CA ALA E 38 18.87 32.60 13.61
C ALA E 38 20.29 32.80 14.15
N ALA E 39 20.48 32.51 15.44
CA ALA E 39 21.71 32.80 16.20
C ALA E 39 22.93 32.04 15.63
N LEU E 40 22.70 31.00 14.84
CA LEU E 40 23.79 30.06 14.42
C LEU E 40 23.98 30.11 12.90
N TYR E 41 22.92 30.42 12.12
CA TYR E 41 22.83 30.07 10.67
C TYR E 41 22.19 31.20 9.86
N ARG E 42 21.87 32.35 10.47
CA ARG E 42 21.16 33.45 9.77
C ARG E 42 21.94 33.84 8.50
N ASP E 43 23.25 33.98 8.59
CA ASP E 43 24.07 34.42 7.43
C ASP E 43 23.89 33.39 6.29
N ALA E 44 23.88 32.09 6.61
CA ALA E 44 23.80 30.98 5.64
C ALA E 44 22.37 30.79 5.14
N LEU E 45 21.38 30.91 6.03
CA LEU E 45 19.94 30.75 5.71
C LEU E 45 19.52 31.86 4.76
N GLU E 46 19.96 33.10 5.02
CA GLU E 46 19.63 34.32 4.23
C GLU E 46 20.48 34.37 2.95
N SER E 47 21.60 33.64 2.93
CA SER E 47 22.57 33.51 1.80
C SER E 47 21.84 33.30 0.47
N PRO E 48 22.45 33.71 -0.67
CA PRO E 48 22.03 33.28 -2.00
C PRO E 48 22.85 32.10 -2.53
N GLU E 49 23.20 31.17 -1.65
CA GLU E 49 23.83 29.87 -2.03
C GLU E 49 23.01 28.74 -1.40
N HIS E 50 22.94 27.60 -2.07
CA HIS E 50 22.21 26.41 -1.58
C HIS E 50 22.75 26.09 -0.18
N CYS E 51 24.08 25.98 -0.07
CA CYS E 51 24.84 25.66 1.17
C CYS E 51 24.77 24.16 1.42
N SER E 52 23.56 23.64 1.61
CA SER E 52 23.26 22.19 1.75
C SER E 52 21.77 21.92 1.60
N PRO E 53 21.40 20.66 1.28
CA PRO E 53 20.00 20.25 1.26
C PRO E 53 19.27 20.53 2.58
N HIS E 54 19.98 20.44 3.70
CA HIS E 54 19.41 20.73 5.05
C HIS E 54 19.01 22.20 5.09
N HIS E 55 19.88 23.06 4.54
CA HIS E 55 19.67 24.54 4.49
C HIS E 55 18.41 24.85 3.70
N THR E 56 18.28 24.21 2.52
CA THR E 56 17.10 24.38 1.63
C THR E 56 15.82 24.03 2.41
N ALA E 57 15.80 22.86 3.05
CA ALA E 57 14.61 22.30 3.71
C ALA E 57 14.20 23.21 4.88
N LEU E 58 15.19 23.60 5.69
CA LEU E 58 14.99 24.41 6.92
C LEU E 58 14.37 25.77 6.55
N ARG E 59 14.94 26.44 5.52
CA ARG E 59 14.40 27.71 4.97
C ARG E 59 12.89 27.59 4.79
N GLN E 60 12.44 26.55 4.07
CA GLN E 60 11.03 26.34 3.69
C GLN E 60 10.21 26.10 4.97
N ALA E 61 10.72 25.25 5.86
CA ALA E 61 10.11 24.90 7.17
C ALA E 61 9.86 26.19 7.97
N ILE E 62 10.86 27.07 8.07
CA ILE E 62 10.76 28.34 8.86
C ILE E 62 9.68 29.21 8.23
N LEU E 63 9.76 29.40 6.91
CA LEU E 63 8.82 30.25 6.12
C LEU E 63 7.40 29.69 6.24
N CYS E 64 7.27 28.36 6.16
CA CYS E 64 5.98 27.65 6.28
C CYS E 64 5.36 27.91 7.67
N TRP E 65 6.16 27.79 8.74
CA TRP E 65 5.71 28.02 10.13
C TRP E 65 5.17 29.45 10.22
N GLY E 66 5.89 30.41 9.64
CA GLY E 66 5.42 31.80 9.44
C GLY E 66 3.98 31.84 8.94
N ASP E 67 3.73 31.24 7.78
CA ASP E 67 2.40 31.20 7.09
C ASP E 67 1.35 30.58 8.04
N LEU E 68 1.68 29.44 8.65
CA LEU E 68 0.74 28.69 9.52
C LEU E 68 0.34 29.58 10.70
N MET E 69 1.29 30.37 11.22
CA MET E 69 1.08 31.25 12.40
C MET E 69 0.29 32.49 11.97
N THR E 70 0.65 33.13 10.86
CA THR E 70 -0.12 34.25 10.25
C THR E 70 -1.60 33.87 10.15
N LEU E 71 -1.88 32.62 9.74
CA LEU E 71 -3.26 32.08 9.61
C LEU E 71 -3.88 31.96 11.01
N ALA E 72 -3.17 31.34 11.95
CA ALA E 72 -3.64 31.10 13.34
C ALA E 72 -3.91 32.44 14.05
N THR E 73 -3.02 33.42 13.89
CA THR E 73 -3.19 34.80 14.45
C THR E 73 -4.42 35.46 13.82
N TRP E 74 -4.53 35.41 12.49
CA TRP E 74 -5.68 35.95 11.71
C TRP E 74 -6.97 35.23 12.14
N ARG E 85 -10.34 31.87 21.03
CA ARG E 85 -9.18 31.15 20.43
C ARG E 85 -8.54 30.23 21.47
N ASP E 86 -9.36 29.42 22.15
CA ASP E 86 -8.94 28.53 23.27
C ASP E 86 -8.47 27.18 22.71
N LEU E 87 -9.40 26.38 22.15
CA LEU E 87 -9.11 24.99 21.69
C LEU E 87 -8.44 24.99 20.32
N VAL E 88 -8.52 26.12 19.58
CA VAL E 88 -7.90 26.29 18.23
C VAL E 88 -6.39 26.52 18.39
N VAL E 89 -6.00 27.49 19.22
CA VAL E 89 -4.58 27.83 19.53
C VAL E 89 -3.97 26.69 20.35
N SER E 90 -4.80 25.78 20.87
CA SER E 90 -4.39 24.55 21.60
C SER E 90 -4.03 23.43 20.60
N TYR E 91 -4.82 23.29 19.53
CA TYR E 91 -4.68 22.24 18.49
C TYR E 91 -3.32 22.36 17.79
N VAL E 92 -2.90 23.60 17.50
CA VAL E 92 -1.65 23.92 16.76
C VAL E 92 -0.46 23.38 17.57
N ASN E 93 -0.43 23.68 18.88
CA ASN E 93 0.67 23.30 19.80
C ASN E 93 0.73 21.77 19.93
N THR E 94 -0.41 21.08 19.74
CA THR E 94 -0.53 19.61 19.88
C THR E 94 0.03 18.91 18.63
N ASN E 95 -0.43 19.31 17.44
CA ASN E 95 -0.32 18.50 16.19
C ASN E 95 0.69 19.14 15.23
N VAL E 96 0.49 20.39 14.81
CA VAL E 96 1.40 21.07 13.85
C VAL E 96 2.70 21.45 14.57
N GLY E 97 2.57 22.02 15.76
CA GLY E 97 3.71 22.44 16.63
C GLY E 97 4.72 21.32 16.75
N LEU E 98 4.26 20.14 17.18
CA LEU E 98 5.12 18.94 17.29
C LEU E 98 5.80 18.71 15.95
N LYS E 99 5.07 18.86 14.84
CA LYS E 99 5.53 18.50 13.47
C LYS E 99 6.73 19.37 13.12
N PHE E 100 6.64 20.68 13.38
CA PHE E 100 7.65 21.71 13.01
C PHE E 100 8.80 21.66 14.03
N ARG E 101 8.48 21.46 15.32
CA ARG E 101 9.49 21.22 16.39
C ARG E 101 10.37 20.02 16.00
N GLN E 102 9.75 18.90 15.61
CA GLN E 102 10.48 17.73 15.08
C GLN E 102 11.39 18.18 13.94
N LEU E 103 10.85 18.93 12.99
CA LEU E 103 11.45 19.19 11.65
C LEU E 103 12.54 20.27 11.77
N LEU E 104 12.23 21.35 12.50
CA LEU E 104 13.25 22.36 12.86
C LEU E 104 14.38 21.68 13.62
N TRP E 105 14.07 20.91 14.68
CA TRP E 105 15.09 20.23 15.52
C TRP E 105 15.96 19.35 14.62
N PHE E 106 15.36 18.53 13.76
CA PHE E 106 16.07 17.51 12.96
C PHE E 106 17.15 18.22 12.14
N HIS E 107 16.78 19.33 11.51
CA HIS E 107 17.59 20.02 10.47
C HIS E 107 18.69 20.81 11.16
N ILE E 108 18.36 21.54 12.22
CA ILE E 108 19.35 22.33 13.03
C ILE E 108 20.39 21.35 13.60
N SER E 109 19.92 20.24 14.21
CA SER E 109 20.77 19.18 14.83
C SER E 109 21.64 18.53 13.75
N CYS E 110 21.13 18.43 12.53
CA CYS E 110 21.85 17.78 11.40
C CYS E 110 22.98 18.72 10.93
N LEU E 111 22.78 20.02 11.07
CA LEU E 111 23.77 21.04 10.65
C LEU E 111 24.83 21.18 11.75
N THR E 112 24.41 21.16 13.02
CA THR E 112 25.27 21.34 14.22
C THR E 112 26.17 20.10 14.45
N PHE E 113 25.57 18.90 14.57
CA PHE E 113 26.21 17.67 15.11
C PHE E 113 26.58 16.69 13.99
N GLY E 114 25.82 16.71 12.89
CA GLY E 114 26.04 15.83 11.73
C GLY E 114 24.91 14.83 11.56
N ARG E 115 24.37 14.70 10.34
CA ARG E 115 23.17 13.86 10.03
C ARG E 115 23.35 12.49 10.67
N GLU E 116 24.43 11.77 10.33
CA GLU E 116 24.69 10.37 10.76
C GLU E 116 24.58 10.28 12.29
N THR E 117 25.19 11.24 13.00
CA THR E 117 25.19 11.35 14.48
C THR E 117 23.77 11.57 15.02
N VAL E 118 22.92 12.36 14.32
CA VAL E 118 21.55 12.70 14.79
C VAL E 118 20.68 11.45 14.68
N LEU E 119 21.01 10.54 13.76
CA LEU E 119 20.19 9.33 13.47
C LEU E 119 20.45 8.28 14.55
N GLU E 120 21.71 7.99 14.85
CA GLU E 120 22.12 7.17 16.03
C GLU E 120 21.41 7.71 17.28
N TYR E 121 21.61 8.99 17.59
CA TYR E 121 21.08 9.62 18.83
C TYR E 121 19.56 9.40 18.94
N LEU E 122 18.86 9.38 17.79
CA LEU E 122 17.37 9.29 17.71
C LEU E 122 16.89 8.00 18.36
N VAL E 123 17.59 6.89 18.07
CA VAL E 123 17.26 5.52 18.56
C VAL E 123 17.81 5.36 19.97
N SER E 124 19.11 5.63 20.15
CA SER E 124 19.77 5.79 21.46
C SER E 124 18.80 6.39 22.49
N PHE E 125 18.28 7.58 22.24
CA PHE E 125 17.45 8.30 23.25
C PHE E 125 16.11 7.60 23.45
N GLY E 126 15.52 7.11 22.35
CA GLY E 126 14.16 6.52 22.39
C GLY E 126 14.14 5.20 23.15
N VAL E 127 15.18 4.38 22.97
CA VAL E 127 15.39 3.12 23.73
C VAL E 127 15.52 3.47 25.22
N TRP E 128 16.49 4.34 25.57
CA TRP E 128 16.80 4.77 26.95
C TRP E 128 15.56 5.36 27.64
N ILE E 129 14.88 6.32 27.01
CA ILE E 129 13.74 7.02 27.66
C ILE E 129 12.62 6.01 27.92
N ARG E 130 12.64 4.87 27.22
CA ARG E 130 11.55 3.87 27.27
C ARG E 130 11.88 2.82 28.33
N THR E 131 13.17 2.55 28.55
CA THR E 131 13.67 1.82 29.75
C THR E 131 13.08 2.50 30.98
N PRO E 132 12.41 1.76 31.89
CA PRO E 132 11.89 2.37 33.12
C PRO E 132 13.01 2.98 33.98
N PRO E 133 12.68 4.05 34.73
CA PRO E 133 13.69 4.85 35.43
C PRO E 133 14.65 4.03 36.30
N ALA E 134 14.08 3.16 37.16
CA ALA E 134 14.75 2.35 38.19
C ALA E 134 15.92 1.53 37.60
N ALA E 135 15.88 1.23 36.30
CA ALA E 135 16.83 0.30 35.64
C ALA E 135 17.82 1.07 34.77
N ARG E 136 17.47 2.27 34.31
CA ARG E 136 18.27 3.04 33.32
C ARG E 136 19.25 3.93 34.07
N PRO E 137 20.50 4.10 33.55
CA PRO E 137 21.42 5.13 34.03
C PRO E 137 20.70 6.46 34.31
N PRO E 138 21.23 7.31 35.22
CA PRO E 138 20.52 8.53 35.62
C PRO E 138 20.42 9.61 34.53
N ASN E 139 21.45 9.73 33.67
CA ASN E 139 21.48 10.72 32.55
C ASN E 139 21.27 10.00 31.22
N ALA E 140 20.56 10.68 30.29
CA ALA E 140 20.39 10.31 28.87
C ALA E 140 21.75 10.09 28.21
N PRO E 141 21.80 9.48 27.01
CA PRO E 141 22.99 9.58 26.16
C PRO E 141 23.10 11.02 25.63
N ILE E 142 24.30 11.39 25.19
CA ILE E 142 24.66 12.81 24.90
C ILE E 142 24.88 12.95 23.40
N LEU E 143 24.36 14.05 22.84
CA LEU E 143 24.47 14.46 21.41
C LEU E 143 25.58 15.51 21.30
N SER E 144 26.63 15.23 20.50
CA SER E 144 27.87 16.04 20.50
C SER E 144 28.63 15.91 19.17
N THR E 145 29.58 16.83 18.96
CA THR E 145 30.25 17.14 17.67
C THR E 145 31.05 15.93 17.17
N SER F 3 13.81 39.53 13.95
CA SER F 3 13.86 38.08 13.57
C SER F 3 14.72 37.91 12.30
N MET F 4 14.37 36.95 11.44
CA MET F 4 15.13 36.59 10.20
C MET F 4 14.34 37.01 8.95
N ASP F 5 15.04 37.15 7.83
CA ASP F 5 14.46 37.57 6.53
C ASP F 5 15.03 36.65 5.44
N ILE F 6 14.26 35.63 5.07
CA ILE F 6 14.64 34.51 4.14
C ILE F 6 13.80 34.66 2.86
N ASP F 7 14.45 34.61 1.70
CA ASP F 7 13.75 34.62 0.38
C ASP F 7 13.74 33.19 -0.15
N PRO F 8 12.55 32.54 -0.19
CA PRO F 8 12.44 31.18 -0.71
C PRO F 8 13.13 31.07 -2.08
N TYR F 9 13.10 32.15 -2.88
CA TYR F 9 13.53 32.16 -4.30
C TYR F 9 15.02 32.53 -4.44
N LYS F 10 15.57 33.23 -3.45
CA LYS F 10 16.93 33.81 -3.51
C LYS F 10 17.98 32.74 -3.85
N GLU F 11 17.88 31.54 -3.27
CA GLU F 11 18.91 30.47 -3.46
C GLU F 11 18.78 29.92 -4.88
N PHE F 12 17.66 30.24 -5.54
CA PHE F 12 17.29 29.74 -6.90
C PHE F 12 17.40 30.87 -7.93
N GLY F 13 18.09 31.95 -7.56
CA GLY F 13 18.50 33.03 -8.49
C GLY F 13 17.35 33.95 -8.84
N ALA F 14 16.35 34.07 -7.96
CA ALA F 14 15.18 34.96 -8.14
C ALA F 14 14.86 35.62 -6.81
N THR F 15 13.63 36.12 -6.63
CA THR F 15 13.20 36.90 -5.44
C THR F 15 11.67 36.95 -5.39
N VAL F 16 11.11 37.26 -4.23
CA VAL F 16 9.64 37.34 -4.01
C VAL F 16 9.10 38.45 -4.93
N GLU F 17 9.82 39.57 -5.06
CA GLU F 17 9.40 40.73 -5.89
C GLU F 17 9.22 40.25 -7.33
N LEU F 18 10.26 39.62 -7.88
CA LEU F 18 10.37 39.18 -9.30
C LEU F 18 9.14 38.33 -9.71
N LEU F 19 8.69 37.43 -8.85
CA LEU F 19 7.55 36.51 -9.14
C LEU F 19 6.24 37.25 -9.00
N SER F 20 6.19 38.30 -8.17
CA SER F 20 5.00 39.16 -8.03
C SER F 20 4.88 40.06 -9.28
N PHE F 21 5.91 40.05 -10.13
CA PHE F 21 5.90 40.72 -11.46
C PHE F 21 4.76 40.13 -12.29
N LEU F 22 4.81 38.83 -12.57
CA LEU F 22 3.73 38.05 -13.22
C LEU F 22 2.42 38.27 -12.48
N PRO F 23 1.33 38.62 -13.17
CA PRO F 23 0.04 38.87 -12.53
C PRO F 23 -0.51 37.59 -11.89
N SER F 24 -1.44 37.72 -10.95
CA SER F 24 -1.92 36.61 -10.10
C SER F 24 -2.69 35.62 -10.97
N ASP F 25 -3.28 36.07 -12.08
CA ASP F 25 -4.17 35.26 -12.96
C ASP F 25 -3.33 34.50 -14.00
N PHE F 26 -2.01 34.69 -14.00
CA PHE F 26 -1.08 33.95 -14.91
C PHE F 26 -0.78 32.55 -14.36
N PHE F 27 -0.94 32.37 -13.05
CA PHE F 27 -0.56 31.14 -12.32
C PHE F 27 -1.70 30.13 -12.47
N PRO F 28 -1.40 28.84 -12.78
CA PRO F 28 -2.40 27.78 -12.70
C PRO F 28 -3.03 27.75 -11.31
N SER F 29 -4.07 26.95 -11.10
CA SER F 29 -4.66 26.68 -9.75
C SER F 29 -3.67 25.87 -8.90
N VAL F 30 -3.88 25.83 -7.58
CA VAL F 30 -3.12 24.90 -6.68
C VAL F 30 -3.48 23.47 -7.10
N ARG F 31 -4.79 23.18 -7.11
CA ARG F 31 -5.39 21.90 -7.56
C ARG F 31 -4.59 21.38 -8.76
N ASP F 32 -4.39 22.21 -9.79
CA ASP F 32 -3.78 21.80 -11.08
C ASP F 32 -2.26 21.64 -10.93
N LEU F 33 -1.66 22.36 -9.97
CA LEU F 33 -0.18 22.45 -9.85
C LEU F 33 0.33 21.21 -9.14
N LEU F 34 -0.40 20.77 -8.10
CA LEU F 34 -0.12 19.51 -7.36
C LEU F 34 -0.36 18.32 -8.27
N ASP F 35 -1.49 18.30 -9.01
CA ASP F 35 -1.84 17.26 -10.02
C ASP F 35 -0.69 17.13 -11.03
N THR F 36 0.02 18.22 -11.32
CA THR F 36 1.07 18.27 -12.37
C THR F 36 2.39 17.75 -11.79
N ALA F 37 2.69 18.12 -10.54
CA ALA F 37 3.92 17.69 -9.81
C ALA F 37 3.86 16.18 -9.64
N ALA F 38 2.68 15.70 -9.24
CA ALA F 38 2.32 14.26 -9.12
C ALA F 38 2.56 13.55 -10.46
N ALA F 39 1.88 14.02 -11.51
CA ALA F 39 1.81 13.37 -12.83
C ALA F 39 3.20 13.34 -13.50
N LEU F 40 4.15 14.15 -13.04
CA LEU F 40 5.43 14.36 -13.75
C LEU F 40 6.62 13.90 -12.89
N TYR F 41 6.48 13.96 -11.55
CA TYR F 41 7.65 13.96 -10.61
C TYR F 41 7.37 13.10 -9.37
N ARG F 42 6.26 12.38 -9.30
CA ARG F 42 5.88 11.60 -8.09
C ARG F 42 7.03 10.65 -7.73
N ASP F 43 7.58 9.94 -8.71
CA ASP F 43 8.66 8.94 -8.47
C ASP F 43 9.84 9.67 -7.80
N ALA F 44 10.19 10.86 -8.29
CA ALA F 44 11.38 11.65 -7.87
C ALA F 44 11.10 12.37 -6.54
N LEU F 45 9.88 12.90 -6.37
CA LEU F 45 9.48 13.64 -5.15
C LEU F 45 9.43 12.66 -3.97
N GLU F 46 8.89 11.47 -4.19
CA GLU F 46 8.74 10.39 -3.16
C GLU F 46 10.07 9.65 -2.96
N SER F 47 10.99 9.78 -3.91
CA SER F 47 12.36 9.18 -3.92
C SER F 47 13.05 9.36 -2.56
N PRO F 48 14.00 8.44 -2.21
CA PRO F 48 14.95 8.67 -1.13
C PRO F 48 16.29 9.24 -1.61
N GLU F 49 16.28 10.10 -2.63
CA GLU F 49 17.48 10.83 -3.12
C GLU F 49 17.14 12.32 -3.18
N HIS F 50 18.13 13.18 -2.93
CA HIS F 50 17.96 14.65 -3.00
C HIS F 50 17.37 14.98 -4.37
N CYS F 51 18.01 14.49 -5.44
CA CYS F 51 17.66 14.69 -6.87
C CYS F 51 18.12 16.09 -7.31
N SER F 52 17.61 17.12 -6.65
CA SER F 52 18.03 18.55 -6.84
C SER F 52 17.48 19.42 -5.72
N PRO F 53 18.09 20.61 -5.51
CA PRO F 53 17.57 21.61 -4.60
C PRO F 53 16.11 21.99 -4.89
N HIS F 54 15.70 21.98 -6.17
CA HIS F 54 14.31 22.28 -6.59
C HIS F 54 13.40 21.20 -6.02
N HIS F 55 13.85 19.95 -6.08
CA HIS F 55 13.10 18.76 -5.57
C HIS F 55 12.88 18.92 -4.07
N THR F 56 13.94 19.27 -3.34
CA THR F 56 13.91 19.49 -1.87
C THR F 56 12.85 20.54 -1.54
N ALA F 57 12.91 21.70 -2.22
CA ALA F 57 12.05 22.87 -1.92
C ALA F 57 10.59 22.53 -2.20
N LEU F 58 10.34 21.90 -3.35
CA LEU F 58 8.98 21.56 -3.84
C LEU F 58 8.31 20.59 -2.85
N ARG F 59 9.04 19.53 -2.43
CA ARG F 59 8.59 18.57 -1.39
C ARG F 59 7.98 19.35 -0.21
N GLN F 60 8.75 20.28 0.35
CA GLN F 60 8.38 21.04 1.57
C GLN F 60 7.15 21.90 1.26
N ALA F 61 7.16 22.60 0.12
CA ALA F 61 6.06 23.44 -0.38
C ALA F 61 4.76 22.64 -0.44
N ILE F 62 4.80 21.43 -1.03
CA ILE F 62 3.59 20.56 -1.19
C ILE F 62 3.10 20.16 0.20
N LEU F 63 4.02 19.68 1.04
CA LEU F 63 3.72 19.20 2.41
C LEU F 63 3.18 20.37 3.24
N CYS F 64 3.77 21.56 3.09
CA CYS F 64 3.33 22.79 3.81
C CYS F 64 1.89 23.13 3.41
N TRP F 65 1.58 23.09 2.11
CA TRP F 65 0.20 23.39 1.61
C TRP F 65 -0.77 22.39 2.27
N GLY F 66 -0.39 21.12 2.32
CA GLY F 66 -1.07 20.07 3.12
C GLY F 66 -1.44 20.58 4.50
N ASP F 67 -0.43 20.99 5.29
CA ASP F 67 -0.57 21.46 6.69
C ASP F 67 -1.52 22.66 6.74
N LEU F 68 -1.35 23.64 5.85
CA LEU F 68 -2.18 24.87 5.79
C LEU F 68 -3.64 24.47 5.58
N MET F 69 -3.89 23.46 4.74
CA MET F 69 -5.26 22.98 4.38
C MET F 69 -5.85 22.17 5.55
N THR F 70 -5.06 21.25 6.12
CA THR F 70 -5.46 20.47 7.33
C THR F 70 -5.93 21.43 8.43
N LEU F 71 -5.24 22.57 8.59
CA LEU F 71 -5.58 23.63 9.57
C LEU F 71 -6.91 24.28 9.16
N ALA F 72 -7.05 24.68 7.90
CA ALA F 72 -8.25 25.35 7.35
C ALA F 72 -9.47 24.43 7.46
N THR F 73 -9.31 23.13 7.12
CA THR F 73 -10.35 22.07 7.26
C THR F 73 -10.75 21.95 8.74
N TRP F 74 -9.77 21.82 9.63
CA TRP F 74 -9.97 21.67 11.10
C TRP F 74 -10.57 22.96 11.68
N VAL F 92 -7.20 31.27 2.90
CA VAL F 92 -6.12 30.62 2.10
C VAL F 92 -6.16 31.16 0.67
N ASN F 93 -7.35 31.19 0.06
CA ASN F 93 -7.57 31.48 -1.39
C ASN F 93 -7.16 32.92 -1.70
N THR F 94 -7.25 33.82 -0.71
CA THR F 94 -6.98 35.28 -0.85
C THR F 94 -5.46 35.54 -0.96
N ASN F 95 -4.68 35.09 0.04
CA ASN F 95 -3.30 35.57 0.30
C ASN F 95 -2.31 34.42 0.08
N VAL F 96 -2.50 33.30 0.77
CA VAL F 96 -1.52 32.16 0.81
C VAL F 96 -1.56 31.42 -0.53
N GLY F 97 -2.76 31.23 -1.10
CA GLY F 97 -3.00 30.59 -2.40
C GLY F 97 -2.04 31.11 -3.47
N LEU F 98 -2.05 32.42 -3.70
CA LEU F 98 -1.13 33.10 -4.66
C LEU F 98 0.31 32.70 -4.31
N LYS F 99 0.65 32.65 -3.02
CA LYS F 99 2.04 32.45 -2.53
C LYS F 99 2.52 31.07 -2.98
N PHE F 100 1.68 30.05 -2.80
CA PHE F 100 2.00 28.62 -3.08
C PHE F 100 1.88 28.36 -4.59
N ARG F 101 0.88 28.97 -5.25
CA ARG F 101 0.74 28.98 -6.73
C ARG F 101 2.03 29.50 -7.36
N GLN F 102 2.52 30.66 -6.90
CA GLN F 102 3.83 31.22 -7.33
C GLN F 102 4.91 30.14 -7.16
N LEU F 103 4.96 29.54 -5.96
CA LEU F 103 6.11 28.74 -5.48
C LEU F 103 6.08 27.33 -6.11
N LEU F 104 4.90 26.71 -6.13
CA LEU F 104 4.69 25.45 -6.89
C LEU F 104 5.04 25.68 -8.36
N TRP F 105 4.49 26.72 -8.98
CA TRP F 105 4.73 27.02 -10.42
C TRP F 105 6.23 27.16 -10.66
N PHE F 106 6.91 27.96 -9.83
CA PHE F 106 8.34 28.32 -10.05
C PHE F 106 9.16 27.03 -10.15
N HIS F 107 8.90 26.12 -9.22
CA HIS F 107 9.75 24.92 -8.97
C HIS F 107 9.46 23.87 -10.05
N ILE F 108 8.17 23.64 -10.35
CA ILE F 108 7.75 22.69 -11.42
C ILE F 108 8.33 23.17 -12.76
N SER F 109 8.17 24.48 -13.07
CA SER F 109 8.65 25.13 -14.32
C SER F 109 10.17 25.04 -14.38
N CYS F 110 10.84 25.11 -13.23
CA CYS F 110 12.32 25.09 -13.15
C CYS F 110 12.81 23.67 -13.45
N LEU F 111 12.00 22.67 -13.10
CA LEU F 111 12.36 21.24 -13.32
C LEU F 111 12.05 20.87 -14.77
N THR F 112 10.92 21.35 -15.31
CA THR F 112 10.43 21.06 -16.69
C THR F 112 11.29 21.75 -17.76
N PHE F 113 11.46 23.07 -17.67
CA PHE F 113 11.98 23.95 -18.75
C PHE F 113 13.42 24.36 -18.50
N GLY F 114 13.83 24.45 -17.24
CA GLY F 114 15.19 24.85 -16.82
C GLY F 114 15.18 26.19 -16.11
N ARG F 115 15.85 26.29 -14.95
CA ARG F 115 15.84 27.49 -14.08
C ARG F 115 16.10 28.74 -14.94
N GLU F 116 17.23 28.77 -15.65
CA GLU F 116 17.72 29.93 -16.45
C GLU F 116 16.59 30.40 -17.38
N THR F 117 15.93 29.46 -18.05
CA THR F 117 14.81 29.68 -19.02
C THR F 117 13.59 30.28 -18.29
N VAL F 118 13.30 29.84 -17.07
CA VAL F 118 12.10 30.29 -16.30
C VAL F 118 12.32 31.74 -15.86
N LEU F 119 13.57 32.16 -15.70
CA LEU F 119 13.93 33.50 -15.18
C LEU F 119 13.77 34.54 -16.29
N GLU F 120 14.33 34.26 -17.48
CA GLU F 120 14.08 35.04 -18.72
C GLU F 120 12.56 35.19 -18.91
N TYR F 121 11.84 34.07 -18.98
CA TYR F 121 10.38 34.06 -19.26
C TYR F 121 9.63 34.96 -18.28
N LEU F 122 10.12 35.07 -17.04
CA LEU F 122 9.46 35.81 -15.93
C LEU F 122 9.37 37.30 -16.29
N VAL F 123 10.44 37.84 -16.85
CA VAL F 123 10.58 39.28 -17.26
C VAL F 123 9.90 39.46 -18.61
N SER F 124 10.29 38.66 -19.60
CA SER F 124 9.60 38.51 -20.90
C SER F 124 8.09 38.70 -20.73
N PHE F 125 7.44 37.88 -19.91
CA PHE F 125 5.96 37.87 -19.81
C PHE F 125 5.47 39.15 -19.12
N GLY F 126 6.19 39.60 -18.09
CA GLY F 126 5.77 40.76 -17.28
C GLY F 126 5.84 42.06 -18.06
N VAL F 127 6.88 42.22 -18.88
CA VAL F 127 7.03 43.37 -19.82
C VAL F 127 5.85 43.35 -20.79
N TRP F 128 5.66 42.22 -21.51
CA TRP F 128 4.61 42.03 -22.55
C TRP F 128 3.21 42.28 -21.95
N ILE F 129 2.87 41.66 -20.83
CA ILE F 129 1.49 41.75 -20.26
C ILE F 129 1.23 43.21 -19.88
N ARG F 130 2.28 44.01 -19.69
CA ARG F 130 2.19 45.39 -19.17
C ARG F 130 2.10 46.37 -20.36
N THR F 131 2.72 46.02 -21.49
CA THR F 131 2.47 46.66 -22.80
C THR F 131 0.96 46.68 -23.05
N PRO F 132 0.35 47.84 -23.34
CA PRO F 132 -1.08 47.90 -23.63
C PRO F 132 -1.46 47.03 -24.83
N PRO F 133 -2.69 46.47 -24.82
CA PRO F 133 -3.10 45.44 -25.79
C PRO F 133 -2.86 45.83 -27.25
N ALA F 134 -3.35 47.01 -27.65
CA ALA F 134 -3.43 47.48 -29.06
C ALA F 134 -2.02 47.55 -29.68
N ALA F 135 -0.96 47.60 -28.86
CA ALA F 135 0.42 47.80 -29.33
C ALA F 135 1.24 46.50 -29.24
N ARG F 136 0.82 45.55 -28.40
CA ARG F 136 1.58 44.28 -28.16
C ARG F 136 1.11 43.23 -29.17
N PRO F 137 2.04 42.38 -29.68
CA PRO F 137 1.68 41.18 -30.43
C PRO F 137 0.48 40.45 -29.81
N PRO F 138 -0.29 39.66 -30.60
CA PRO F 138 -1.53 39.05 -30.10
C PRO F 138 -1.33 37.96 -29.04
N ASN F 139 -0.26 37.15 -29.17
CA ASN F 139 0.08 36.05 -28.22
C ASN F 139 1.28 36.47 -27.36
N ALA F 140 1.29 36.02 -26.10
CA ALA F 140 2.41 36.10 -25.15
C ALA F 140 3.68 35.48 -25.76
N PRO F 141 4.87 35.71 -25.16
CA PRO F 141 6.04 34.87 -25.44
C PRO F 141 5.79 33.47 -24.85
N ILE F 142 6.53 32.48 -25.35
CA ILE F 142 6.27 31.03 -25.09
C ILE F 142 7.40 30.47 -24.26
N LEU F 143 7.06 29.65 -23.28
CA LEU F 143 7.96 28.92 -22.34
C LEU F 143 8.14 27.48 -22.85
N SER F 144 9.38 27.06 -23.15
CA SER F 144 9.64 25.79 -23.86
C SER F 144 11.05 25.26 -23.56
N THR F 145 11.24 23.96 -23.80
CA THR F 145 12.32 23.09 -23.25
C THR F 145 13.68 23.53 -23.81
#